data_7SPS
#
_entry.id   7SPS
#
_cell.length_a   77.591
_cell.length_b   121.552
_cell.length_c   95.872
_cell.angle_alpha   90.000
_cell.angle_beta   108.140
_cell.angle_gamma   90.000
#
_symmetry.space_group_name_H-M   'P 1 21 1'
#
loop_
_entity.id
_entity.type
_entity.pdbx_description
1 polymer 'Solute carrier family 2, facilitated glucose transporter member 3'
2 non-polymer 'methyl N-[(2-{4-[4-(5-fluoro-2-methoxyphenyl)piperazin-1-yl]-1H-pyrazolo[3,4-d]pyrimidin-1-yl}phenyl)methyl]-beta-alaninate'
3 non-polymer '(2R)-2,3-dihydroxypropyl (9Z)-octadec-9-enoate'
4 water water
#
_entity_poly.entity_id   1
_entity_poly.type   'polypeptide(L)'
_entity_poly.pdbx_seq_one_letter_code
;MHHHHHHHHHHSGDEVDAGSGQVDAGTMGTQKVTPALIFAITVATIGSFQFGYNTGVINAPEKIIKEFITKTLTDKGNAP
PSEVLLTSLWSLSVAIFSVGGMIGSFSVGLFVNRFGRRNSMLIVNLLAVTGGCFMGLCKVAKSVEMLILGRLVIGLFCGL
CTGFVPMYIGEISPTALRGAFGTLNQLGIVVGILVAQIFGLEFILGSEELWPLLLGFTILPAILQSAALPFCPESPRFLL
INRKEEENAKQILQRLWGTQDVSQDIQEMKDESARMSQEKQVTVLELFRVSSYRQPIIISIVLQLSQQLSGINAVFYYST
GIFKDAGVQEPIYATIGAGVVNTIFTVVSLFLVERAGRRTLHMIGLGGMAFCSTLMTVSLLLKDNYNGMSFVCIGAILVF
VAFFEIGPGPIPWFIVAELFSQGPRPAAMAVAGCSNWTSNFLVGLLFPSAAHYLGAYVFIIFTGFLITFLAFTFFKVPET
RGRTFEDITRAFEGQAHGADRSGKDGVMEMNSIEPAKETTTNV
;
_entity_poly.pdbx_strand_id   A,B
#
loop_
_chem_comp.id
_chem_comp.type
_chem_comp.name
_chem_comp.formula
A0E non-polymer 'methyl N-[(2-{4-[4-(5-fluoro-2-methoxyphenyl)piperazin-1-yl]-1H-pyrazolo[3,4-d]pyrimidin-1-yl}phenyl)methyl]-beta-alaninate' 'C27 H30 F N7 O3'
OLC non-polymer '(2R)-2,3-dihydroxypropyl (9Z)-octadec-9-enoate' 'C21 H40 O4'
#
# COMPACT_ATOMS: atom_id res chain seq x y z
N GLN A 31 14.89 2.25 19.21
CA GLN A 31 13.64 2.20 19.97
C GLN A 31 13.84 2.45 21.45
N LYS A 32 13.72 3.72 21.79
CA LYS A 32 13.81 4.26 23.17
C LYS A 32 12.91 5.50 23.16
N VAL A 33 11.59 5.29 23.09
CA VAL A 33 10.66 6.43 22.87
C VAL A 33 9.95 6.91 24.14
N THR A 34 10.36 8.06 24.66
CA THR A 34 9.74 8.63 25.88
C THR A 34 8.75 9.74 25.47
N PRO A 35 7.96 10.32 26.41
CA PRO A 35 7.02 11.39 26.07
C PRO A 35 7.79 12.60 25.56
N ALA A 36 8.94 12.89 26.19
CA ALA A 36 9.79 14.04 25.81
C ALA A 36 10.08 14.02 24.29
N LEU A 37 10.59 12.89 23.77
CA LEU A 37 10.91 12.82 22.35
C LEU A 37 9.68 13.08 21.50
N ILE A 38 8.57 12.47 21.89
CA ILE A 38 7.31 12.64 21.16
C ILE A 38 6.89 14.10 21.19
N PHE A 39 6.90 14.67 22.40
CA PHE A 39 6.56 16.07 22.60
C PHE A 39 7.39 16.96 21.68
N ALA A 40 8.70 16.76 21.70
CA ALA A 40 9.61 17.58 20.88
C ALA A 40 9.30 17.46 19.39
N ILE A 41 9.07 16.24 18.91
CA ILE A 41 8.80 16.02 17.50
C ILE A 41 7.40 16.51 17.12
N THR A 42 6.42 16.27 17.99
CA THR A 42 5.05 16.73 17.77
C THR A 42 4.95 18.26 17.71
N VAL A 43 5.58 18.94 18.66
CA VAL A 43 5.57 20.39 18.70
C VAL A 43 6.22 20.94 17.43
N ALA A 44 7.22 20.23 16.91
CA ALA A 44 7.88 20.66 15.69
C ALA A 44 6.98 20.48 14.47
N THR A 45 6.15 19.44 14.46
CA THR A 45 5.31 19.14 13.30
C THR A 45 4.08 20.05 13.25
N ILE A 46 3.93 20.92 14.24
CA ILE A 46 2.93 21.98 14.16
C ILE A 46 3.20 22.78 12.89
N GLY A 47 4.47 22.99 12.59
CA GLY A 47 4.88 23.63 11.35
C GLY A 47 4.46 22.86 10.12
N SER A 48 4.50 21.53 10.19
CA SER A 48 4.08 20.71 9.08
C SER A 48 2.58 20.89 8.86
N PHE A 49 1.85 20.88 9.96
CA PHE A 49 0.42 21.12 9.94
C PHE A 49 0.13 22.48 9.30
N GLN A 50 0.89 23.48 9.70
CA GLN A 50 0.72 24.85 9.21
C GLN A 50 0.88 24.89 7.70
N PHE A 51 1.92 24.19 7.21
CA PHE A 51 2.20 24.14 5.77
C PHE A 51 1.07 23.46 5.03
N GLY A 52 0.62 22.32 5.55
CA GLY A 52 -0.52 21.62 4.98
C GLY A 52 -1.77 22.47 4.96
N TYR A 53 -2.06 23.13 6.08
CA TYR A 53 -3.28 23.92 6.21
C TYR A 53 -3.33 25.06 5.20
N ASN A 54 -2.25 25.82 5.08
CA ASN A 54 -2.23 26.96 4.18
C ASN A 54 -2.18 26.56 2.72
N THR A 55 -1.78 25.32 2.49
CA THR A 55 -1.74 24.78 1.11
C THR A 55 -3.17 24.42 0.70
N GLY A 56 -3.89 23.73 1.56
CA GLY A 56 -5.22 23.25 1.21
C GLY A 56 -6.39 24.16 1.50
N VAL A 57 -6.16 25.22 2.28
CA VAL A 57 -7.27 26.05 2.77
C VAL A 57 -7.87 26.93 1.67
N ILE A 58 -7.06 27.22 0.65
CA ILE A 58 -7.40 28.24 -0.33
C ILE A 58 -8.42 27.77 -1.37
N ASN A 59 -8.53 26.46 -1.57
CA ASN A 59 -9.38 25.86 -2.64
C ASN A 59 -10.86 26.18 -2.46
N ALA A 60 -11.45 25.74 -1.35
CA ALA A 60 -12.89 25.86 -1.11
C ALA A 60 -13.46 27.30 -1.15
N PRO A 61 -12.80 28.28 -0.52
CA PRO A 61 -13.50 29.57 -0.48
C PRO A 61 -13.31 30.46 -1.71
N GLU A 62 -13.00 29.89 -2.87
CA GLU A 62 -12.75 30.68 -4.08
C GLU A 62 -13.92 31.59 -4.48
N LYS A 63 -15.10 31.00 -4.59
CA LYS A 63 -16.30 31.73 -4.97
C LYS A 63 -16.59 32.84 -3.96
N ILE A 64 -16.50 32.48 -2.68
CA ILE A 64 -16.78 33.41 -1.58
C ILE A 64 -15.84 34.62 -1.59
N ILE A 65 -14.56 34.36 -1.80
CA ILE A 65 -13.56 35.42 -1.82
C ILE A 65 -13.70 36.30 -3.07
N LYS A 66 -14.05 35.69 -4.20
CA LYS A 66 -14.29 36.47 -5.42
C LYS A 66 -15.48 37.41 -5.24
N GLU A 67 -16.52 36.93 -4.55
CA GLU A 67 -17.65 37.78 -4.17
C GLU A 67 -17.18 38.92 -3.29
N PHE A 68 -16.23 38.62 -2.40
CA PHE A 68 -15.62 39.65 -1.57
C PHE A 68 -14.87 40.67 -2.43
N ILE A 69 -14.07 40.18 -3.38
CA ILE A 69 -13.30 41.07 -4.25
C ILE A 69 -14.23 41.97 -5.07
N THR A 70 -15.29 41.37 -5.59
CA THR A 70 -16.29 42.13 -6.35
C THR A 70 -16.94 43.21 -5.49
N LYS A 71 -17.30 42.85 -4.27
CA LYS A 71 -17.97 43.79 -3.38
C LYS A 71 -17.03 44.91 -2.93
N THR A 72 -15.75 44.59 -2.79
CA THR A 72 -14.78 45.60 -2.37
C THR A 72 -14.68 46.70 -3.42
N LEU A 73 -14.85 46.31 -4.69
CA LEU A 73 -14.79 47.25 -5.79
C LEU A 73 -16.14 47.91 -6.02
N THR A 74 -17.22 47.13 -5.91
CA THR A 74 -18.58 47.63 -6.08
C THR A 74 -18.96 48.65 -5.01
N ASP A 75 -18.62 48.34 -3.76
CA ASP A 75 -18.96 49.22 -2.64
C ASP A 75 -18.37 50.62 -2.79
N LYS A 76 -17.29 50.73 -3.56
CA LYS A 76 -16.72 52.04 -3.86
C LYS A 76 -17.68 52.81 -4.78
N GLY A 77 -18.57 52.09 -5.46
CA GLY A 77 -19.53 52.68 -6.36
C GLY A 77 -19.10 52.45 -7.80
N ASN A 78 -17.98 51.74 -7.94
CA ASN A 78 -17.42 51.41 -9.23
C ASN A 78 -18.18 50.30 -9.93
N ALA A 79 -17.88 50.11 -11.21
CA ALA A 79 -18.42 49.00 -11.96
C ALA A 79 -17.85 47.69 -11.43
N PRO A 80 -18.69 46.63 -11.41
CA PRO A 80 -18.24 45.30 -10.98
C PRO A 80 -17.11 44.77 -11.86
N PRO A 81 -16.12 44.09 -11.26
CA PRO A 81 -14.98 43.59 -12.03
C PRO A 81 -15.36 42.47 -12.99
N SER A 82 -14.64 42.39 -14.10
CA SER A 82 -14.85 41.31 -15.06
C SER A 82 -14.40 39.99 -14.44
N GLU A 83 -14.85 38.89 -15.03
CA GLU A 83 -14.45 37.57 -14.56
C GLU A 83 -12.97 37.33 -14.85
N VAL A 84 -12.44 38.02 -15.86
CA VAL A 84 -11.02 37.99 -16.17
C VAL A 84 -10.18 38.63 -15.06
N LEU A 85 -10.63 39.76 -14.54
CA LEU A 85 -9.90 40.44 -13.47
C LEU A 85 -9.99 39.62 -12.18
N LEU A 86 -11.17 39.09 -11.88
CA LEU A 86 -11.36 38.25 -10.71
C LEU A 86 -10.45 37.02 -10.76
N THR A 87 -10.50 36.29 -11.87
CA THR A 87 -9.61 35.15 -12.10
C THR A 87 -8.14 35.53 -11.92
N SER A 88 -7.79 36.70 -12.43
CA SER A 88 -6.44 37.22 -12.35
C SER A 88 -6.01 37.46 -10.88
N LEU A 89 -6.81 38.24 -10.15
CA LEU A 89 -6.53 38.52 -8.74
C LEU A 89 -6.51 37.22 -7.92
N TRP A 90 -7.45 36.33 -8.20
CA TRP A 90 -7.53 35.06 -7.47
C TRP A 90 -6.30 34.19 -7.73
N SER A 91 -5.81 34.18 -8.97
CA SER A 91 -4.63 33.40 -9.34
C SER A 91 -3.39 33.93 -8.63
N LEU A 92 -3.30 35.24 -8.50
CA LEU A 92 -2.20 35.89 -7.77
C LEU A 92 -2.24 35.53 -6.29
N SER A 93 -3.43 35.55 -5.70
CA SER A 93 -3.62 35.17 -4.30
C SER A 93 -3.10 33.75 -4.05
N VAL A 94 -3.44 32.83 -4.94
CA VAL A 94 -3.02 31.44 -4.78
C VAL A 94 -1.53 31.27 -4.98
N ALA A 95 -1.01 31.83 -6.07
CA ALA A 95 0.37 31.58 -6.50
C ALA A 95 1.42 32.31 -5.66
N ILE A 96 1.10 33.49 -5.15
CA ILE A 96 2.07 34.29 -4.41
C ILE A 96 2.55 33.54 -3.16
N PHE A 97 1.73 32.59 -2.71
CA PHE A 97 2.07 31.71 -1.61
C PHE A 97 3.29 30.86 -1.95
N SER A 98 3.33 30.34 -3.17
CA SER A 98 4.47 29.54 -3.64
C SER A 98 5.73 30.39 -3.77
N VAL A 99 5.55 31.61 -4.25
CA VAL A 99 6.67 32.54 -4.40
C VAL A 99 7.31 32.85 -3.05
N GLY A 100 6.46 33.01 -2.03
CA GLY A 100 6.96 33.20 -0.69
C GLY A 100 7.75 31.99 -0.22
N GLY A 101 7.19 30.80 -0.48
CA GLY A 101 7.81 29.54 -0.10
C GLY A 101 9.15 29.29 -0.77
N MET A 102 9.29 29.74 -2.03
CA MET A 102 10.56 29.60 -2.75
C MET A 102 11.65 30.39 -2.05
N ILE A 103 11.30 31.62 -1.68
CA ILE A 103 12.22 32.52 -1.00
C ILE A 103 12.58 32.02 0.39
N GLY A 104 11.55 31.65 1.16
CA GLY A 104 11.75 31.20 2.52
C GLY A 104 12.55 29.91 2.62
N SER A 105 12.22 28.94 1.77
CA SER A 105 12.90 27.64 1.82
C SER A 105 14.38 27.78 1.46
N PHE A 106 14.70 28.70 0.55
CA PHE A 106 16.08 28.95 0.19
C PHE A 106 16.81 29.78 1.24
N SER A 107 16.05 30.40 2.15
CA SER A 107 16.63 31.27 3.17
C SER A 107 16.92 30.52 4.47
N VAL A 108 16.58 29.24 4.49
CA VAL A 108 16.73 28.40 5.68
C VAL A 108 18.15 28.45 6.24
N GLY A 109 19.14 28.55 5.37
CA GLY A 109 20.54 28.58 5.77
C GLY A 109 20.95 29.80 6.59
N LEU A 110 20.17 30.87 6.50
CA LEU A 110 20.47 32.09 7.24
C LEU A 110 20.16 31.95 8.73
N PHE A 111 19.40 30.92 9.10
CA PHE A 111 18.85 30.81 10.44
C PHE A 111 19.44 29.70 11.30
N VAL A 112 19.54 28.50 10.76
CA VAL A 112 19.73 27.29 11.57
C VAL A 112 21.09 27.19 12.25
N ASN A 113 22.13 27.74 11.63
CA ASN A 113 23.44 27.74 12.27
C ASN A 113 23.60 28.91 13.25
N ARG A 114 22.94 30.03 12.94
CA ARG A 114 23.05 31.23 13.77
C ARG A 114 22.21 31.14 15.05
N PHE A 115 21.01 30.60 14.94
CA PHE A 115 20.07 30.59 16.07
C PHE A 115 19.88 29.19 16.65
N GLY A 116 20.29 28.18 15.89
CA GLY A 116 20.00 26.80 16.25
C GLY A 116 18.79 26.35 15.46
N ARG A 117 18.45 25.07 15.59
CA ARG A 117 17.30 24.55 14.85
C ARG A 117 15.99 24.88 15.58
N ARG A 118 15.97 24.67 16.89
CA ARG A 118 14.77 24.91 17.68
C ARG A 118 14.39 26.39 17.73
N ASN A 119 15.36 27.28 17.87
CA ASN A 119 15.09 28.71 17.98
C ASN A 119 14.69 29.34 16.66
N SER A 120 15.25 28.82 15.56
CA SER A 120 14.84 29.23 14.22
C SER A 120 13.34 29.06 14.06
N MET A 121 12.80 27.94 14.52
CA MET A 121 11.37 27.68 14.43
C MET A 121 10.58 28.68 15.28
N LEU A 122 11.08 28.93 16.49
CA LEU A 122 10.47 29.87 17.41
C LEU A 122 10.45 31.28 16.83
N ILE A 123 11.59 31.71 16.30
CA ILE A 123 11.76 33.04 15.72
C ILE A 123 10.81 33.38 14.56
N VAL A 124 10.62 32.46 13.62
CA VAL A 124 9.89 32.77 12.40
C VAL A 124 8.36 32.74 12.57
N ASN A 125 7.89 32.37 13.76
CA ASN A 125 6.46 32.36 14.02
C ASN A 125 5.86 33.76 13.93
N LEU A 126 6.73 34.75 14.04
CA LEU A 126 6.41 36.14 13.74
C LEU A 126 5.72 36.24 12.37
N LEU A 127 6.22 35.47 11.42
CA LEU A 127 5.70 35.51 10.04
C LEU A 127 4.32 34.87 9.96
N ALA A 128 4.13 33.76 10.67
CA ALA A 128 2.84 33.08 10.67
C ALA A 128 1.78 33.97 11.28
N VAL A 129 2.14 34.62 12.39
CA VAL A 129 1.19 35.56 13.05
C VAL A 129 0.91 36.70 12.07
N THR A 130 1.97 37.23 11.43
CA THR A 130 1.78 38.35 10.52
C THR A 130 0.90 38.01 9.32
N GLY A 131 1.24 36.93 8.63
CA GLY A 131 0.50 36.51 7.46
C GLY A 131 -0.96 36.26 7.77
N GLY A 132 -1.21 35.58 8.89
CA GLY A 132 -2.56 35.28 9.31
C GLY A 132 -3.37 36.50 9.65
N CYS A 133 -2.70 37.54 10.16
CA CYS A 133 -3.37 38.80 10.49
C CYS A 133 -3.88 39.50 9.24
N PHE A 134 -2.99 39.64 8.26
CA PHE A 134 -3.35 40.23 6.97
C PHE A 134 -4.57 39.53 6.36
N MET A 135 -4.48 38.22 6.19
CA MET A 135 -5.57 37.43 5.61
C MET A 135 -6.84 37.50 6.44
N GLY A 136 -6.68 37.50 7.77
CA GLY A 136 -7.82 37.52 8.66
C GLY A 136 -8.52 38.86 8.73
N LEU A 137 -7.77 39.94 8.53
CA LEU A 137 -8.32 41.28 8.65
C LEU A 137 -8.60 41.93 7.29
N CYS A 138 -8.30 41.23 6.21
CA CYS A 138 -8.40 41.84 4.88
C CYS A 138 -9.84 42.23 4.55
N LYS A 139 -10.80 41.42 4.98
CA LYS A 139 -12.21 41.73 4.71
C LYS A 139 -12.68 42.97 5.47
N VAL A 140 -12.45 42.99 6.78
CA VAL A 140 -12.90 44.11 7.60
C VAL A 140 -12.14 45.38 7.22
N ALA A 141 -10.94 45.22 6.69
CA ALA A 141 -10.17 46.35 6.17
C ALA A 141 -10.54 46.63 4.73
N LYS A 142 -11.39 45.79 4.15
CA LYS A 142 -11.84 45.91 2.76
C LYS A 142 -10.66 46.08 1.79
N SER A 143 -9.68 45.17 1.90
CA SER A 143 -8.44 45.32 1.17
C SER A 143 -8.01 44.00 0.52
N VAL A 144 -8.13 43.94 -0.81
CA VAL A 144 -7.66 42.77 -1.55
C VAL A 144 -6.13 42.68 -1.42
N GLU A 145 -5.49 43.84 -1.33
CA GLU A 145 -4.03 43.89 -1.21
C GLU A 145 -3.54 43.17 0.03
N MET A 146 -4.30 43.26 1.12
CA MET A 146 -3.92 42.59 2.36
C MET A 146 -4.02 41.08 2.22
N LEU A 147 -5.00 40.62 1.46
CA LEU A 147 -5.14 39.19 1.22
C LEU A 147 -3.91 38.67 0.48
N ILE A 148 -3.57 39.33 -0.62
CA ILE A 148 -2.41 38.96 -1.43
C ILE A 148 -1.12 39.02 -0.61
N LEU A 149 -0.96 40.09 0.16
CA LEU A 149 0.19 40.27 1.02
C LEU A 149 0.28 39.19 2.10
N GLY A 150 -0.85 38.86 2.71
CA GLY A 150 -0.90 37.79 3.70
C GLY A 150 -0.48 36.45 3.14
N ARG A 151 -0.90 36.15 1.91
CA ARG A 151 -0.55 34.88 1.29
C ARG A 151 0.94 34.81 0.99
N LEU A 152 1.55 35.96 0.73
CA LEU A 152 2.98 36.02 0.48
C LEU A 152 3.78 35.76 1.75
N VAL A 153 3.36 36.38 2.84
CA VAL A 153 4.07 36.26 4.10
C VAL A 153 3.89 34.87 4.71
N ILE A 154 2.68 34.33 4.64
CA ILE A 154 2.45 32.97 5.14
C ILE A 154 3.22 31.97 4.27
N GLY A 155 3.41 32.32 3.00
CA GLY A 155 4.26 31.55 2.11
C GLY A 155 5.70 31.50 2.58
N LEU A 156 6.25 32.67 2.92
CA LEU A 156 7.60 32.79 3.47
C LEU A 156 7.75 31.89 4.70
N PHE A 157 6.77 31.97 5.60
CA PHE A 157 6.75 31.17 6.81
C PHE A 157 6.79 29.68 6.50
N CYS A 158 5.97 29.24 5.55
CA CYS A 158 5.86 27.82 5.24
C CYS A 158 7.11 27.28 4.56
N GLY A 159 7.74 28.13 3.74
CA GLY A 159 8.99 27.77 3.10
C GLY A 159 10.09 27.48 4.12
N LEU A 160 10.16 28.33 5.14
CA LEU A 160 11.13 28.14 6.21
C LEU A 160 10.81 26.86 7.00
N CYS A 161 9.53 26.60 7.18
CA CYS A 161 9.08 25.39 7.88
C CYS A 161 9.48 24.10 7.15
N THR A 162 9.37 24.09 5.82
CA THR A 162 9.63 22.86 5.07
C THR A 162 11.11 22.47 5.15
N GLY A 163 11.94 23.42 5.56
CA GLY A 163 13.34 23.17 5.79
C GLY A 163 13.69 22.97 7.26
N PHE A 164 13.08 23.75 8.14
CA PHE A 164 13.37 23.67 9.56
C PHE A 164 12.93 22.36 10.19
N VAL A 165 11.71 21.92 9.87
CA VAL A 165 11.12 20.78 10.56
C VAL A 165 11.86 19.46 10.26
N PRO A 166 12.04 19.10 8.97
CA PRO A 166 12.79 17.85 8.77
C PRO A 166 14.23 17.92 9.30
N MET A 167 14.86 19.09 9.23
CA MET A 167 16.22 19.24 9.72
C MET A 167 16.29 18.96 11.22
N TYR A 168 15.35 19.53 11.96
CA TYR A 168 15.25 19.31 13.40
C TYR A 168 14.93 17.86 13.74
N ILE A 169 13.91 17.30 13.09
CA ILE A 169 13.50 15.91 13.32
C ILE A 169 14.64 14.95 12.98
N GLY A 170 15.32 15.21 11.87
CA GLY A 170 16.43 14.37 11.46
C GLY A 170 17.57 14.33 12.46
N GLU A 171 17.82 15.45 13.12
CA GLU A 171 18.99 15.55 14.00
C GLU A 171 18.68 15.08 15.43
N ILE A 172 17.40 14.95 15.75
CA ILE A 172 17.00 14.63 17.12
C ILE A 172 16.46 13.20 17.25
N SER A 173 16.16 12.56 16.12
CA SER A 173 15.63 11.21 16.16
C SER A 173 16.72 10.18 16.34
N PRO A 174 16.41 9.10 17.07
CA PRO A 174 17.30 7.93 17.08
C PRO A 174 17.49 7.44 15.65
N THR A 175 18.71 7.05 15.32
CA THR A 175 19.05 6.60 13.97
C THR A 175 18.12 5.50 13.46
N ALA A 176 17.71 4.59 14.33
CA ALA A 176 16.83 3.49 13.92
C ALA A 176 15.40 3.96 13.61
N LEU A 177 15.08 5.20 13.96
CA LEU A 177 13.72 5.69 13.80
C LEU A 177 13.68 6.99 13.00
N ARG A 178 14.79 7.31 12.36
CA ARG A 178 14.94 8.59 11.69
C ARG A 178 13.92 8.77 10.57
N GLY A 179 13.67 7.70 9.82
CA GLY A 179 12.71 7.76 8.72
C GLY A 179 11.27 7.77 9.20
N ALA A 180 10.99 6.98 10.22
CA ALA A 180 9.64 6.93 10.80
C ALA A 180 9.22 8.30 11.31
N PHE A 181 10.07 8.89 12.15
CA PHE A 181 9.83 10.22 12.70
C PHE A 181 9.80 11.26 11.59
N GLY A 182 10.67 11.09 10.59
CA GLY A 182 10.69 11.99 9.46
C GLY A 182 9.40 11.95 8.65
N THR A 183 8.71 10.82 8.72
CA THR A 183 7.46 10.66 7.99
C THR A 183 6.34 11.43 8.70
N LEU A 184 6.57 11.77 9.97
CA LEU A 184 5.58 12.55 10.74
C LEU A 184 5.45 13.98 10.21
N ASN A 185 6.49 14.46 9.53
CA ASN A 185 6.41 15.73 8.83
C ASN A 185 5.29 15.67 7.76
N GLN A 186 5.36 14.69 6.87
CA GLN A 186 4.34 14.57 5.83
C GLN A 186 2.96 14.28 6.42
N LEU A 187 2.92 13.51 7.50
CA LEU A 187 1.66 13.25 8.18
C LEU A 187 1.03 14.56 8.68
N GLY A 188 1.86 15.43 9.26
CA GLY A 188 1.37 16.72 9.72
C GLY A 188 0.84 17.54 8.56
N ILE A 189 1.51 17.42 7.43
CA ILE A 189 1.12 18.14 6.22
C ILE A 189 -0.23 17.65 5.68
N VAL A 190 -0.42 16.34 5.60
CA VAL A 190 -1.66 15.80 5.05
C VAL A 190 -2.81 16.01 6.03
N VAL A 191 -2.52 15.93 7.33
CA VAL A 191 -3.53 16.23 8.35
C VAL A 191 -3.93 17.70 8.27
N GLY A 192 -2.93 18.56 8.05
CA GLY A 192 -3.18 19.98 7.86
C GLY A 192 -4.08 20.26 6.66
N ILE A 193 -3.85 19.54 5.57
CA ILE A 193 -4.66 19.68 4.36
C ILE A 193 -6.11 19.24 4.61
N LEU A 194 -6.27 18.08 5.23
CA LEU A 194 -7.58 17.54 5.54
C LEU A 194 -8.39 18.51 6.38
N VAL A 195 -7.76 19.08 7.41
CA VAL A 195 -8.43 19.98 8.33
C VAL A 195 -8.87 21.29 7.65
N ALA A 196 -7.99 21.86 6.84
CA ALA A 196 -8.31 23.07 6.09
C ALA A 196 -9.52 22.87 5.16
N GLN A 197 -9.59 21.71 4.53
CA GLN A 197 -10.68 21.37 3.64
C GLN A 197 -11.97 21.20 4.37
N ILE A 198 -11.93 20.49 5.48
CA ILE A 198 -13.10 20.31 6.32
C ILE A 198 -13.60 21.65 6.89
N PHE A 199 -12.67 22.50 7.36
CA PHE A 199 -13.02 23.83 7.83
C PHE A 199 -13.62 24.66 6.71
N GLY A 200 -13.26 24.32 5.48
CA GLY A 200 -13.73 25.05 4.31
C GLY A 200 -15.18 24.79 3.96
N LEU A 201 -15.76 23.78 4.60
CA LEU A 201 -17.18 23.50 4.42
C LEU A 201 -18.01 24.70 4.83
N GLU A 202 -19.05 24.99 4.06
CA GLU A 202 -19.92 26.18 4.25
C GLU A 202 -20.53 26.21 5.65
N PHE A 203 -20.85 25.05 6.21
CA PHE A 203 -21.50 25.00 7.55
C PHE A 203 -20.48 25.07 8.68
N ILE A 204 -19.19 25.16 8.39
CA ILE A 204 -18.17 25.31 9.46
C ILE A 204 -17.58 26.72 9.37
N LEU A 205 -16.58 26.97 8.51
CA LEU A 205 -16.01 28.34 8.44
C LEU A 205 -16.00 28.80 6.98
N GLY A 206 -16.53 27.98 6.09
CA GLY A 206 -16.51 28.32 4.68
C GLY A 206 -17.68 29.16 4.18
N SER A 207 -18.01 30.22 4.91
CA SER A 207 -19.15 31.06 4.56
C SER A 207 -18.75 32.52 4.34
N GLU A 208 -19.71 33.31 3.87
CA GLU A 208 -19.49 34.72 3.58
C GLU A 208 -19.01 35.49 4.82
N GLU A 209 -19.49 35.07 5.99
CA GLU A 209 -19.21 35.80 7.22
C GLU A 209 -18.07 35.20 8.04
N LEU A 210 -17.56 34.03 7.63
CA LEU A 210 -16.59 33.33 8.46
C LEU A 210 -15.28 32.99 7.75
N TRP A 211 -15.19 33.29 6.47
CA TRP A 211 -13.97 32.94 5.71
C TRP A 211 -12.72 33.69 6.22
N PRO A 212 -12.80 34.93 6.75
CA PRO A 212 -11.62 35.53 7.32
C PRO A 212 -11.12 34.64 8.47
N LEU A 213 -12.03 34.00 9.20
CA LEU A 213 -11.60 33.12 10.28
C LEU A 213 -10.93 31.87 9.72
N LEU A 214 -11.44 31.42 8.57
CA LEU A 214 -10.86 30.29 7.87
C LEU A 214 -9.38 30.52 7.59
N LEU A 215 -9.07 31.66 6.98
CA LEU A 215 -7.70 31.97 6.62
C LEU A 215 -6.89 32.40 7.84
N GLY A 216 -7.54 33.12 8.75
CA GLY A 216 -6.87 33.59 9.95
C GLY A 216 -6.53 32.50 10.94
N PHE A 217 -7.06 31.30 10.72
CA PHE A 217 -6.90 30.19 11.65
C PHE A 217 -5.43 29.86 11.90
N THR A 218 -4.58 30.11 10.91
CA THR A 218 -3.18 29.73 10.99
C THR A 218 -2.48 30.41 12.18
N ILE A 219 -3.07 31.48 12.70
CA ILE A 219 -2.51 32.21 13.84
C ILE A 219 -2.48 31.35 15.11
N LEU A 220 -3.53 30.58 15.34
CA LEU A 220 -3.66 29.83 16.59
C LEU A 220 -2.57 28.75 16.78
N PRO A 221 -2.29 27.92 15.76
CA PRO A 221 -1.23 26.92 16.00
C PRO A 221 0.14 27.56 16.23
N ALA A 222 0.33 28.78 15.71
CA ALA A 222 1.59 29.48 15.89
C ALA A 222 1.77 29.93 17.34
N ILE A 223 0.68 30.34 17.96
CA ILE A 223 0.70 30.81 19.34
C ILE A 223 0.86 29.63 20.30
N LEU A 224 0.30 28.50 19.90
CA LEU A 224 0.50 27.25 20.63
C LEU A 224 1.94 26.74 20.51
N GLN A 225 2.48 26.79 19.29
CA GLN A 225 3.82 26.29 19.06
C GLN A 225 4.85 27.14 19.77
N SER A 226 4.66 28.45 19.74
CA SER A 226 5.60 29.36 20.39
C SER A 226 5.58 29.19 21.90
N ALA A 227 4.43 28.81 22.45
CA ALA A 227 4.33 28.53 23.87
C ALA A 227 5.04 27.22 24.22
N ALA A 228 4.96 26.23 23.32
CA ALA A 228 5.48 24.90 23.61
C ALA A 228 6.98 24.76 23.30
N LEU A 229 7.42 25.43 22.24
CA LEU A 229 8.80 25.30 21.77
C LEU A 229 9.91 25.52 22.80
N PRO A 230 9.76 26.49 23.73
CA PRO A 230 10.91 26.69 24.62
C PRO A 230 11.20 25.49 25.51
N PHE A 231 10.24 24.59 25.63
CA PHE A 231 10.41 23.40 26.44
C PHE A 231 10.87 22.20 25.59
N CYS A 232 11.06 22.44 24.29
CA CYS A 232 11.70 21.47 23.42
C CYS A 232 13.20 21.73 23.39
N PRO A 233 14.00 20.67 23.52
CA PRO A 233 15.45 20.85 23.53
C PRO A 233 15.98 21.18 22.14
N GLU A 234 17.11 21.89 22.08
CA GLU A 234 17.84 22.01 20.83
C GLU A 234 18.41 20.65 20.48
N SER A 235 18.60 20.39 19.18
CA SER A 235 19.30 19.19 18.74
C SER A 235 20.59 18.98 19.52
N PRO A 236 20.77 17.77 20.08
CA PRO A 236 22.02 17.41 20.74
C PRO A 236 23.18 17.39 19.74
N ARG A 237 22.85 17.04 18.50
CA ARG A 237 23.85 17.01 17.40
C ARG A 237 24.36 18.43 17.19
N PHE A 238 23.44 19.40 17.08
CA PHE A 238 23.81 20.80 16.92
C PHE A 238 24.62 21.32 18.11
N LEU A 239 24.19 21.00 19.32
CA LEU A 239 24.89 21.47 20.51
C LEU A 239 26.29 20.91 20.62
N LEU A 240 26.44 19.62 20.30
CA LEU A 240 27.75 18.97 20.37
C LEU A 240 28.64 19.33 19.18
N ILE A 241 28.10 19.20 17.97
CA ILE A 241 28.92 19.40 16.79
C ILE A 241 29.14 20.88 16.44
N ASN A 242 28.08 21.68 16.49
CA ASN A 242 28.19 23.08 16.10
C ASN A 242 28.68 24.00 17.22
N ARG A 243 28.29 23.72 18.46
CA ARG A 243 28.61 24.61 19.56
C ARG A 243 29.57 23.99 20.57
N LYS A 244 30.04 22.78 20.27
CA LYS A 244 31.05 22.09 21.07
C LYS A 244 30.64 21.95 22.54
N GLU A 245 29.35 21.72 22.78
CA GLU A 245 28.83 21.53 24.13
C GLU A 245 28.47 20.08 24.40
N GLU A 246 29.49 19.25 24.55
CA GLU A 246 29.33 17.80 24.61
C GLU A 246 28.45 17.31 25.77
N GLU A 247 28.72 17.80 26.98
CA GLU A 247 28.01 17.28 28.16
C GLU A 247 26.56 17.77 28.17
N ASN A 248 26.34 18.96 27.62
CA ASN A 248 24.99 19.48 27.43
C ASN A 248 24.16 18.58 26.51
N ALA A 249 24.79 18.13 25.43
CA ALA A 249 24.13 17.24 24.47
C ALA A 249 23.81 15.89 25.10
N LYS A 250 24.75 15.38 25.89
CA LYS A 250 24.59 14.08 26.54
C LYS A 250 23.37 14.03 27.44
N GLN A 251 23.30 14.99 28.36
CA GLN A 251 22.20 15.11 29.31
C GLN A 251 20.84 15.21 28.61
N ILE A 252 20.81 15.94 27.51
CA ILE A 252 19.61 16.04 26.69
C ILE A 252 19.32 14.70 26.00
N LEU A 253 20.37 14.07 25.49
CA LEU A 253 20.25 12.79 24.82
C LEU A 253 19.72 11.72 25.78
N GLN A 254 20.18 11.76 27.02
CA GLN A 254 19.74 10.82 28.04
C GLN A 254 18.24 10.95 28.32
N ARG A 255 17.75 12.18 28.32
CA ARG A 255 16.34 12.44 28.60
C ARG A 255 15.46 12.01 27.42
N LEU A 256 15.85 12.40 26.21
CA LEU A 256 15.06 12.12 25.01
C LEU A 256 14.99 10.62 24.71
N TRP A 257 16.06 9.88 24.98
N TRP A 257 16.10 9.90 24.97
CA TRP A 257 16.02 8.46 24.66
CA TRP A 257 16.16 8.43 24.69
C TRP A 257 15.85 7.61 25.91
C TRP A 257 15.59 7.67 25.87
N GLY A 258 15.71 8.25 27.07
CA GLY A 258 15.31 7.56 28.28
C GLY A 258 16.27 6.46 28.71
N THR A 259 17.56 6.74 28.59
CA THR A 259 18.59 5.81 29.03
C THR A 259 19.85 6.58 29.40
N GLN A 260 20.59 6.07 30.38
CA GLN A 260 21.78 6.77 30.85
C GLN A 260 22.98 6.46 29.98
N ASP A 261 22.95 5.30 29.34
CA ASP A 261 24.04 4.92 28.44
C ASP A 261 23.76 5.37 27.02
N VAL A 262 24.41 6.45 26.61
CA VAL A 262 24.27 6.98 25.26
C VAL A 262 25.65 7.14 24.64
N SER A 263 26.61 6.38 25.16
CA SER A 263 28.02 6.48 24.78
C SER A 263 28.28 6.27 23.29
N GLN A 264 27.57 5.33 22.68
CA GLN A 264 27.77 5.03 21.27
C GLN A 264 27.34 6.19 20.40
N ASP A 265 26.21 6.81 20.74
CA ASP A 265 25.71 7.95 19.98
C ASP A 265 26.54 9.20 20.21
N ILE A 266 26.92 9.45 21.46
CA ILE A 266 27.75 10.59 21.80
C ILE A 266 29.09 10.54 21.08
N GLN A 267 29.66 9.34 20.99
CA GLN A 267 30.93 9.16 20.30
C GLN A 267 30.78 9.37 18.80
N GLU A 268 29.70 8.86 18.23
CA GLU A 268 29.46 9.01 16.81
C GLU A 268 29.31 10.50 16.47
N MET A 269 28.73 11.26 17.39
CA MET A 269 28.59 12.70 17.21
C MET A 269 29.94 13.39 17.31
N LYS A 270 30.79 12.90 18.22
CA LYS A 270 32.16 13.38 18.33
C LYS A 270 32.93 13.20 17.02
N ASP A 271 32.71 12.06 16.36
CA ASP A 271 33.33 11.79 15.08
C ASP A 271 32.88 12.81 14.02
N GLU A 272 31.57 13.00 13.92
CA GLU A 272 30.99 13.96 12.94
C GLU A 272 31.52 15.36 13.24
N SER A 273 31.71 15.68 14.53
CA SER A 273 32.20 16.99 14.94
C SER A 273 33.65 17.19 14.51
N ALA A 274 34.45 16.15 14.63
CA ALA A 274 35.85 16.22 14.21
C ALA A 274 35.94 16.46 12.71
N ARG A 275 35.09 15.79 11.96
CA ARG A 275 35.00 15.96 10.51
C ARG A 275 34.64 17.41 10.14
N MET A 276 33.66 17.99 10.83
CA MET A 276 33.16 19.30 10.46
C MET A 276 34.18 20.42 10.73
N SER A 277 34.98 20.27 11.78
CA SER A 277 35.96 21.29 12.12
C SER A 277 37.24 21.15 11.29
N GLN A 278 37.36 20.04 10.56
CA GLN A 278 38.48 19.86 9.65
C GLN A 278 38.08 20.21 8.22
N GLU A 279 36.77 20.40 8.01
CA GLU A 279 36.27 20.74 6.69
C GLU A 279 35.81 22.18 6.59
N LYS A 280 36.05 22.78 5.43
CA LYS A 280 35.47 24.06 5.06
C LYS A 280 33.96 23.89 5.12
N GLN A 281 33.29 24.83 5.79
CA GLN A 281 31.82 24.75 5.91
C GLN A 281 31.22 25.33 4.63
N VAL A 282 30.39 24.52 3.99
CA VAL A 282 29.88 24.78 2.62
C VAL A 282 28.73 25.77 2.56
N THR A 283 28.87 26.62 1.57
CA THR A 283 27.86 27.58 1.13
C THR A 283 27.04 26.91 0.03
N VAL A 284 26.10 27.62 -0.57
CA VAL A 284 25.34 26.97 -1.63
C VAL A 284 26.17 26.68 -2.88
N LEU A 285 26.96 27.66 -3.31
CA LEU A 285 27.69 27.56 -4.57
C LEU A 285 28.71 26.42 -4.62
N GLU A 286 29.34 26.13 -3.46
CA GLU A 286 30.40 25.08 -3.39
C GLU A 286 29.77 23.69 -3.30
N LEU A 287 28.50 23.62 -2.88
CA LEU A 287 27.78 22.35 -2.87
C LEU A 287 27.95 21.70 -4.23
N PHE A 288 28.12 22.53 -5.25
CA PHE A 288 28.18 22.05 -6.63
C PHE A 288 29.61 21.96 -7.16
N ARG A 289 30.57 22.48 -6.39
CA ARG A 289 31.99 22.39 -6.77
C ARG A 289 32.68 21.16 -6.17
N VAL A 290 32.13 20.66 -5.07
CA VAL A 290 32.69 19.49 -4.40
C VAL A 290 32.13 18.20 -4.96
N SER A 291 33.02 17.32 -5.41
CA SER A 291 32.61 16.08 -6.06
C SER A 291 31.79 15.18 -5.15
N SER A 292 32.19 15.09 -3.89
CA SER A 292 31.52 14.20 -2.93
C SER A 292 30.16 14.76 -2.51
N TYR A 293 29.87 15.99 -2.90
CA TYR A 293 28.56 16.59 -2.65
C TYR A 293 27.65 16.51 -3.88
N ARG A 294 28.26 16.38 -5.06
CA ARG A 294 27.45 16.44 -6.31
C ARG A 294 26.39 15.32 -6.33
N GLN A 295 26.77 14.07 -6.11
CA GLN A 295 25.79 13.01 -6.20
C GLN A 295 24.67 13.18 -5.15
N PRO A 296 25.02 13.41 -3.86
CA PRO A 296 23.95 13.63 -2.89
C PRO A 296 23.00 14.77 -3.24
N ILE A 297 23.53 15.86 -3.77
CA ILE A 297 22.69 17.03 -4.01
C ILE A 297 21.83 16.79 -5.24
N ILE A 298 22.35 16.03 -6.20
CA ILE A 298 21.58 15.69 -7.40
C ILE A 298 20.45 14.75 -7.04
N ILE A 299 20.73 13.76 -6.21
CA ILE A 299 19.68 12.89 -5.67
C ILE A 299 18.60 13.70 -4.98
N SER A 300 19.03 14.64 -4.13
CA SER A 300 18.13 15.47 -3.35
C SER A 300 17.16 16.28 -4.22
N ILE A 301 17.70 16.95 -5.23
CA ILE A 301 16.89 17.73 -6.16
C ILE A 301 15.95 16.83 -6.96
N VAL A 302 16.49 15.76 -7.54
CA VAL A 302 15.69 14.87 -8.36
C VAL A 302 14.52 14.27 -7.57
N LEU A 303 14.75 13.94 -6.31
CA LEU A 303 13.67 13.39 -5.49
C LEU A 303 12.57 14.41 -5.22
N GLN A 304 12.95 15.69 -5.14
CA GLN A 304 11.97 16.79 -4.95
C GLN A 304 11.11 16.87 -6.22
N LEU A 305 11.74 16.71 -7.39
CA LEU A 305 11.05 16.73 -8.68
C LEU A 305 10.13 15.54 -8.83
N SER A 306 10.55 14.38 -8.31
CA SER A 306 9.76 13.16 -8.43
C SER A 306 8.46 13.29 -7.63
N GLN A 307 8.44 14.24 -6.70
CA GLN A 307 7.24 14.51 -5.92
C GLN A 307 6.31 15.46 -6.67
N GLN A 308 6.86 16.59 -7.13
CA GLN A 308 6.04 17.64 -7.74
C GLN A 308 5.73 17.40 -9.21
N LEU A 309 6.51 16.55 -9.89
CA LEU A 309 6.24 16.22 -11.32
C LEU A 309 5.65 14.81 -11.41
N SER A 310 5.04 14.34 -10.32
CA SER A 310 4.42 13.01 -10.31
C SER A 310 3.07 13.01 -11.01
N GLY A 311 2.44 14.19 -11.07
CA GLY A 311 1.10 14.30 -11.59
C GLY A 311 0.11 14.53 -10.48
N ILE A 312 0.62 14.59 -9.25
CA ILE A 312 -0.21 14.78 -8.06
C ILE A 312 -0.96 16.12 -8.12
N ASN A 313 -0.40 17.08 -8.85
N ASN A 313 -0.42 17.08 -8.86
CA ASN A 313 -1.04 18.38 -9.04
CA ASN A 313 -1.05 18.38 -8.98
C ASN A 313 -2.18 18.26 -10.04
C ASN A 313 -1.98 18.46 -10.21
N ALA A 314 -1.97 17.41 -11.03
CA ALA A 314 -2.85 17.31 -12.19
C ALA A 314 -4.11 16.51 -11.88
N VAL A 315 -3.95 15.49 -11.03
CA VAL A 315 -5.03 14.53 -10.65
C VAL A 315 -6.27 15.26 -10.12
N PHE A 316 -6.09 16.35 -9.36
CA PHE A 316 -7.24 17.04 -8.78
C PHE A 316 -7.78 18.14 -9.70
N TYR A 317 -6.91 18.65 -10.56
CA TYR A 317 -7.30 19.61 -11.59
C TYR A 317 -8.47 19.06 -12.42
N TYR A 318 -8.45 17.75 -12.62
CA TYR A 318 -9.52 17.06 -13.36
C TYR A 318 -10.63 16.55 -12.43
N SER A 319 -10.28 16.33 -11.16
CA SER A 319 -11.17 15.65 -10.23
C SER A 319 -12.48 16.40 -9.99
N THR A 320 -12.37 17.69 -9.70
CA THR A 320 -13.54 18.51 -9.36
C THR A 320 -14.61 18.47 -10.45
N GLY A 321 -14.18 18.29 -11.69
CA GLY A 321 -15.11 18.16 -12.81
C GLY A 321 -15.53 16.72 -13.08
N ILE A 322 -14.68 15.77 -12.73
CA ILE A 322 -15.02 14.36 -12.89
C ILE A 322 -16.01 13.96 -11.80
N PHE A 323 -15.93 14.63 -10.67
CA PHE A 323 -16.76 14.27 -9.54
C PHE A 323 -18.22 14.60 -9.77
N LYS A 324 -18.49 15.57 -10.63
CA LYS A 324 -19.86 15.95 -10.88
C LYS A 324 -20.55 14.87 -11.66
N ASP A 325 -19.82 14.34 -12.63
CA ASP A 325 -20.33 13.40 -13.63
C ASP A 325 -20.75 12.07 -13.03
N ALA A 326 -20.06 11.69 -11.94
CA ALA A 326 -20.30 10.43 -11.19
C ALA A 326 -21.41 10.60 -10.15
N GLY A 327 -22.06 11.78 -10.12
CA GLY A 327 -23.18 12.03 -9.20
C GLY A 327 -22.79 12.60 -7.84
N VAL A 328 -21.51 12.93 -7.62
CA VAL A 328 -21.09 13.56 -6.32
C VAL A 328 -21.98 14.80 -6.12
N GLN A 329 -21.91 15.74 -7.07
CA GLN A 329 -22.66 17.03 -6.98
C GLN A 329 -22.28 17.73 -5.67
N GLU A 330 -21.29 17.17 -4.97
CA GLU A 330 -20.74 17.72 -3.70
C GLU A 330 -19.21 17.74 -3.84
N PRO A 331 -18.64 18.76 -4.54
CA PRO A 331 -17.19 18.82 -4.80
C PRO A 331 -16.19 18.82 -3.63
N ILE A 332 -16.47 19.55 -2.54
CA ILE A 332 -15.46 19.62 -1.44
C ILE A 332 -15.50 18.23 -0.81
N TYR A 333 -16.69 17.62 -0.75
CA TYR A 333 -16.84 16.28 -0.13
C TYR A 333 -16.03 15.28 -0.95
N ALA A 334 -16.06 15.40 -2.28
CA ALA A 334 -15.20 14.45 -3.02
C ALA A 334 -13.73 14.61 -2.58
N THR A 335 -13.26 15.86 -2.42
CA THR A 335 -11.84 16.12 -2.07
C THR A 335 -11.47 15.65 -0.65
N ILE A 336 -12.38 15.78 0.31
CA ILE A 336 -12.14 15.40 1.68
C ILE A 336 -11.88 13.92 1.74
N GLY A 337 -12.64 13.15 0.98
CA GLY A 337 -12.47 11.72 0.89
C GLY A 337 -11.06 11.35 0.44
N ALA A 338 -10.57 12.04 -0.58
CA ALA A 338 -9.20 11.87 -1.02
C ALA A 338 -8.23 12.22 0.11
N GLY A 339 -8.62 13.21 0.92
CA GLY A 339 -7.83 13.63 2.06
C GLY A 339 -7.68 12.56 3.12
N VAL A 340 -8.72 11.75 3.28
CA VAL A 340 -8.69 10.64 4.22
C VAL A 340 -7.74 9.54 3.72
N VAL A 341 -7.85 9.21 2.44
CA VAL A 341 -6.95 8.25 1.81
C VAL A 341 -5.50 8.75 1.91
N ASN A 342 -5.33 10.05 1.64
CA ASN A 342 -4.05 10.75 1.79
C ASN A 342 -3.42 10.46 3.15
N THR A 343 -4.24 10.48 4.19
CA THR A 343 -3.77 10.32 5.56
C THR A 343 -3.46 8.87 5.90
N ILE A 344 -4.31 7.97 5.46
CA ILE A 344 -4.18 6.55 5.74
C ILE A 344 -2.86 5.98 5.22
N PHE A 345 -2.49 6.36 4.00
CA PHE A 345 -1.30 5.76 3.40
C PHE A 345 -0.01 6.47 3.76
N THR A 346 -0.12 7.64 4.37
CA THR A 346 1.05 8.26 4.99
C THR A 346 1.43 7.44 6.23
N VAL A 347 0.41 7.04 6.99
CA VAL A 347 0.58 6.17 8.15
C VAL A 347 1.12 4.81 7.74
N VAL A 348 0.68 4.31 6.59
CA VAL A 348 1.18 3.05 6.07
C VAL A 348 2.67 3.20 5.77
N SER A 349 3.04 4.31 5.14
CA SER A 349 4.44 4.59 4.87
C SER A 349 5.24 4.68 6.17
N LEU A 350 4.64 5.26 7.21
CA LEU A 350 5.31 5.39 8.53
C LEU A 350 5.72 4.01 9.04
N PHE A 351 4.84 3.01 8.90
CA PHE A 351 5.12 1.70 9.46
C PHE A 351 5.97 0.82 8.53
N LEU A 352 6.32 1.35 7.37
CA LEU A 352 7.09 0.57 6.40
C LEU A 352 8.51 1.08 6.21
N VAL A 353 8.72 2.36 6.44
CA VAL A 353 9.95 3.04 6.00
C VAL A 353 11.22 2.55 6.72
N GLU A 354 11.08 2.01 7.92
CA GLU A 354 12.26 1.50 8.61
C GLU A 354 12.53 0.02 8.30
N ARG A 355 11.54 -0.68 7.75
CA ARG A 355 11.70 -2.08 7.40
C ARG A 355 12.03 -2.25 5.91
N ALA A 356 11.13 -1.75 5.07
CA ALA A 356 11.26 -1.86 3.62
C ALA A 356 12.36 -1.00 3.06
N GLY A 357 12.65 0.13 3.73
CA GLY A 357 13.64 1.08 3.26
C GLY A 357 13.07 2.16 2.36
N ARG A 358 13.86 3.20 2.12
CA ARG A 358 13.41 4.35 1.34
C ARG A 358 13.34 4.05 -0.16
N ARG A 359 14.32 3.31 -0.67
CA ARG A 359 14.36 2.93 -2.08
C ARG A 359 13.08 2.24 -2.52
N THR A 360 12.71 1.20 -1.76
CA THR A 360 11.58 0.35 -2.12
C THR A 360 10.27 1.13 -2.11
N LEU A 361 10.06 1.93 -1.07
CA LEU A 361 8.81 2.68 -0.93
C LEU A 361 8.70 3.77 -1.99
N HIS A 362 9.81 4.42 -2.29
CA HIS A 362 9.79 5.44 -3.32
C HIS A 362 9.48 4.82 -4.67
N MET A 363 10.10 3.67 -4.96
CA MET A 363 9.94 3.03 -6.24
C MET A 363 8.54 2.45 -6.42
N ILE A 364 8.02 1.79 -5.40
CA ILE A 364 6.67 1.25 -5.43
C ILE A 364 5.65 2.34 -5.72
N GLY A 365 5.77 3.46 -5.00
CA GLY A 365 4.89 4.59 -5.19
C GLY A 365 4.94 5.19 -6.59
N LEU A 366 6.15 5.43 -7.08
CA LEU A 366 6.32 5.90 -8.46
C LEU A 366 5.67 4.93 -9.45
N GLY A 367 5.80 3.63 -9.20
CA GLY A 367 5.28 2.61 -10.10
C GLY A 367 3.77 2.54 -10.13
N GLY A 368 3.15 2.55 -8.94
CA GLY A 368 1.71 2.57 -8.83
C GLY A 368 1.08 3.81 -9.43
N MET A 369 1.77 4.95 -9.33
CA MET A 369 1.30 6.20 -9.92
C MET A 369 1.39 6.14 -11.45
N ALA A 370 2.41 5.47 -11.96
CA ALA A 370 2.56 5.25 -13.40
C ALA A 370 1.38 4.44 -13.94
N PHE A 371 0.98 3.42 -13.19
CA PHE A 371 -0.16 2.61 -13.60
C PHE A 371 -1.46 3.41 -13.57
N CYS A 372 -1.62 4.22 -12.54
CA CYS A 372 -2.87 4.98 -12.37
C CYS A 372 -3.00 6.14 -13.37
N SER A 373 -1.90 6.83 -13.65
CA SER A 373 -1.95 7.95 -14.59
C SER A 373 -2.24 7.45 -16.00
N THR A 374 -1.73 6.26 -16.31
CA THR A 374 -2.01 5.62 -17.59
C THR A 374 -3.49 5.27 -17.66
N LEU A 375 -4.00 4.68 -16.59
CA LEU A 375 -5.42 4.39 -16.48
C LEU A 375 -6.27 5.66 -16.61
N MET A 376 -5.76 6.78 -16.08
CA MET A 376 -6.46 8.06 -16.19
C MET A 376 -6.63 8.48 -17.64
N THR A 377 -5.56 8.36 -18.43
CA THR A 377 -5.62 8.69 -19.84
C THR A 377 -6.65 7.83 -20.58
N VAL A 378 -6.61 6.53 -20.33
CA VAL A 378 -7.51 5.60 -20.99
C VAL A 378 -8.97 5.87 -20.62
N SER A 379 -9.24 6.01 -19.32
CA SER A 379 -10.61 6.22 -18.86
C SER A 379 -11.17 7.56 -19.35
N LEU A 380 -10.31 8.55 -19.54
CA LEU A 380 -10.73 9.85 -20.04
C LEU A 380 -10.96 9.80 -21.57
N LEU A 381 -10.15 9.02 -22.27
CA LEU A 381 -10.29 8.88 -23.71
C LEU A 381 -11.55 8.12 -24.08
N LEU A 382 -11.99 7.26 -23.17
CA LEU A 382 -13.21 6.50 -23.37
C LEU A 382 -14.38 7.11 -22.60
N LYS A 383 -14.15 8.31 -22.06
CA LYS A 383 -15.11 9.07 -21.20
C LYS A 383 -16.56 8.97 -21.69
N ASP A 384 -16.81 9.27 -22.97
CA ASP A 384 -18.19 9.30 -23.49
C ASP A 384 -18.51 8.23 -24.55
N ASN A 385 -17.54 7.41 -24.95
CA ASN A 385 -17.91 6.18 -25.67
C ASN A 385 -18.47 5.08 -24.71
N TYR A 386 -18.25 5.22 -23.40
CA TYR A 386 -18.74 4.29 -22.34
C TYR A 386 -19.16 5.10 -21.11
N ASN A 387 -20.29 4.75 -20.50
CA ASN A 387 -20.92 5.57 -19.41
C ASN A 387 -20.49 5.15 -17.99
N GLY A 388 -19.34 4.52 -17.81
CA GLY A 388 -18.94 4.18 -16.46
C GLY A 388 -17.64 4.83 -16.04
N MET A 389 -17.03 5.48 -17.02
CA MET A 389 -15.63 5.90 -16.93
C MET A 389 -15.34 6.94 -15.83
N SER A 390 -16.36 7.71 -15.44
CA SER A 390 -16.15 8.67 -14.35
C SER A 390 -15.90 7.98 -13.02
N PHE A 391 -16.54 6.84 -12.82
CA PHE A 391 -16.26 6.04 -11.63
C PHE A 391 -14.85 5.46 -11.70
N VAL A 392 -14.41 5.14 -12.92
CA VAL A 392 -13.08 4.60 -13.14
C VAL A 392 -12.01 5.63 -12.82
N CYS A 393 -12.21 6.85 -13.30
CA CYS A 393 -11.30 7.97 -13.05
C CYS A 393 -11.17 8.28 -11.56
N ILE A 394 -12.28 8.24 -10.84
CA ILE A 394 -12.26 8.50 -9.40
C ILE A 394 -11.45 7.43 -8.68
N GLY A 395 -11.66 6.18 -9.07
CA GLY A 395 -10.91 5.07 -8.52
C GLY A 395 -9.43 5.23 -8.79
N ALA A 396 -9.09 5.64 -10.00
CA ALA A 396 -7.70 5.86 -10.39
C ALA A 396 -7.08 6.95 -9.54
N ILE A 397 -7.85 8.02 -9.31
CA ILE A 397 -7.40 9.21 -8.52
C ILE A 397 -7.10 8.80 -7.08
N LEU A 398 -7.99 8.01 -6.46
CA LEU A 398 -7.80 7.61 -5.06
C LEU A 398 -6.63 6.63 -4.93
N VAL A 399 -6.49 5.71 -5.87
CA VAL A 399 -5.37 4.78 -5.85
C VAL A 399 -4.05 5.53 -6.12
N PHE A 400 -4.10 6.52 -7.00
CA PHE A 400 -2.95 7.39 -7.25
C PHE A 400 -2.49 8.03 -5.93
N VAL A 401 -3.42 8.60 -5.20
CA VAL A 401 -3.12 9.30 -3.95
C VAL A 401 -2.45 8.36 -2.95
N ALA A 402 -2.95 7.14 -2.87
CA ALA A 402 -2.38 6.11 -2.02
C ALA A 402 -0.91 5.81 -2.35
N PHE A 403 -0.59 5.73 -3.63
CA PHE A 403 0.77 5.38 -4.02
C PHE A 403 1.71 6.55 -3.81
N PHE A 404 1.18 7.76 -4.01
CA PHE A 404 1.94 8.97 -3.79
C PHE A 404 2.45 9.03 -2.36
N GLU A 405 1.59 8.70 -1.40
CA GLU A 405 1.96 8.79 0.00
C GLU A 405 2.78 7.60 0.50
N ILE A 406 2.86 6.55 -0.30
CA ILE A 406 3.65 5.38 0.07
C ILE A 406 5.11 5.81 0.17
N GLY A 407 5.62 6.44 -0.88
CA GLY A 407 6.96 6.98 -0.85
C GLY A 407 7.18 8.44 -1.20
N PRO A 408 6.93 8.81 -2.48
CA PRO A 408 7.19 10.14 -3.05
C PRO A 408 6.58 11.30 -2.27
N GLY A 409 5.54 11.05 -1.49
CA GLY A 409 4.99 12.13 -0.66
C GLY A 409 5.90 12.40 0.53
N PRO A 410 6.02 11.49 1.50
CA PRO A 410 6.85 11.71 2.69
C PRO A 410 8.38 11.67 2.58
N ILE A 411 8.92 10.79 1.76
CA ILE A 411 10.37 10.57 1.69
C ILE A 411 11.21 11.78 1.25
N PRO A 412 10.84 12.47 0.15
CA PRO A 412 11.73 13.54 -0.31
C PRO A 412 11.96 14.68 0.70
N TRP A 413 11.02 14.87 1.64
CA TRP A 413 11.19 15.88 2.68
C TRP A 413 12.35 15.55 3.63
N PHE A 414 12.41 14.32 4.13
CA PHE A 414 13.41 14.02 5.16
C PHE A 414 14.68 13.36 4.64
N ILE A 415 14.70 12.95 3.36
CA ILE A 415 15.83 12.15 2.89
C ILE A 415 17.09 12.99 2.68
N VAL A 416 16.93 14.26 2.28
CA VAL A 416 18.15 15.08 1.99
C VAL A 416 18.86 15.31 3.32
N ALA A 417 18.10 15.40 4.41
CA ALA A 417 18.71 15.51 5.73
C ALA A 417 19.59 14.28 6.04
N GLU A 418 19.25 13.15 5.43
CA GLU A 418 20.00 11.90 5.59
C GLU A 418 21.17 11.75 4.62
N LEU A 419 21.16 12.52 3.54
CA LEU A 419 22.17 12.36 2.49
C LEU A 419 23.42 13.17 2.79
N PHE A 420 23.34 14.00 3.84
CA PHE A 420 24.43 14.90 4.21
C PHE A 420 24.74 14.85 5.70
N SER A 421 26.00 15.11 6.05
CA SER A 421 26.40 15.25 7.44
C SER A 421 26.12 16.66 7.94
N GLN A 422 26.58 16.99 9.14
CA GLN A 422 26.21 18.23 9.82
C GLN A 422 26.61 19.50 9.05
N GLY A 423 27.85 19.53 8.55
CA GLY A 423 28.37 20.69 7.85
C GLY A 423 27.58 21.20 6.65
N PRO A 424 27.33 20.34 5.64
CA PRO A 424 26.65 20.80 4.43
C PRO A 424 25.13 20.68 4.46
N ARG A 425 24.56 20.04 5.49
CA ARG A 425 23.11 19.82 5.53
C ARG A 425 22.28 21.11 5.35
N PRO A 426 22.58 22.19 6.11
CA PRO A 426 21.75 23.39 5.96
C PRO A 426 21.70 23.94 4.54
N ALA A 427 22.86 24.06 3.89
CA ALA A 427 22.92 24.56 2.53
C ALA A 427 22.22 23.60 1.56
N ALA A 428 22.30 22.30 1.87
CA ALA A 428 21.70 21.29 1.03
C ALA A 428 20.18 21.33 1.14
N MET A 429 19.68 21.58 2.34
CA MET A 429 18.24 21.63 2.56
C MET A 429 17.64 22.93 2.04
N ALA A 430 18.46 23.98 1.96
CA ALA A 430 18.04 25.22 1.32
C ALA A 430 17.85 25.02 -0.19
N VAL A 431 18.80 24.31 -0.80
CA VAL A 431 18.76 24.01 -2.23
C VAL A 431 17.63 23.04 -2.59
N ALA A 432 17.54 21.94 -1.85
CA ALA A 432 16.52 20.93 -2.09
C ALA A 432 15.12 21.50 -1.92
N GLY A 433 14.91 22.18 -0.80
CA GLY A 433 13.62 22.75 -0.50
C GLY A 433 13.19 23.79 -1.52
N CYS A 434 14.12 24.63 -1.93
CA CYS A 434 13.81 25.64 -2.93
C CYS A 434 13.40 24.98 -4.24
N SER A 435 14.14 23.96 -4.64
CA SER A 435 13.83 23.27 -5.92
C SER A 435 12.46 22.61 -5.83
N ASN A 436 12.06 22.15 -4.64
CA ASN A 436 10.73 21.56 -4.44
C ASN A 436 9.65 22.63 -4.63
N TRP A 437 9.83 23.79 -4.00
CA TRP A 437 8.85 24.90 -4.04
C TRP A 437 8.80 25.49 -5.44
N THR A 438 9.97 25.62 -6.05
CA THR A 438 10.09 26.17 -7.41
C THR A 438 9.45 25.24 -8.44
N SER A 439 9.70 23.94 -8.32
CA SER A 439 9.15 23.03 -9.30
C SER A 439 7.63 22.98 -9.14
N ASN A 440 7.16 23.11 -7.89
CA ASN A 440 5.73 23.18 -7.65
C ASN A 440 5.14 24.41 -8.32
N PHE A 441 5.82 25.55 -8.16
CA PHE A 441 5.35 26.79 -8.77
C PHE A 441 5.32 26.71 -10.29
N LEU A 442 6.36 26.16 -10.90
CA LEU A 442 6.44 26.09 -12.36
C LEU A 442 5.41 25.13 -12.95
N VAL A 443 5.22 23.99 -12.30
CA VAL A 443 4.21 23.03 -12.73
C VAL A 443 2.82 23.66 -12.77
N GLY A 444 2.48 24.39 -11.71
CA GLY A 444 1.20 25.09 -11.64
C GLY A 444 1.04 26.14 -12.72
N LEU A 445 2.15 26.76 -13.12
CA LEU A 445 2.14 27.74 -14.20
C LEU A 445 1.93 27.13 -15.57
N LEU A 446 2.56 25.98 -15.80
CA LEU A 446 2.65 25.42 -17.14
C LEU A 446 1.60 24.36 -17.44
N PHE A 447 1.11 23.68 -16.41
CA PHE A 447 0.20 22.55 -16.65
C PHE A 447 -1.12 22.92 -17.36
N PRO A 448 -1.80 24.02 -16.96
CA PRO A 448 -3.03 24.35 -17.68
C PRO A 448 -2.87 24.44 -19.19
N SER A 449 -1.75 24.99 -19.65
CA SER A 449 -1.44 25.04 -21.07
C SER A 449 -1.29 23.64 -21.65
N ALA A 450 -0.50 22.81 -20.97
CA ALA A 450 -0.22 21.45 -21.43
C ALA A 450 -1.49 20.63 -21.55
N ALA A 451 -2.37 20.78 -20.57
CA ALA A 451 -3.65 20.08 -20.58
C ALA A 451 -4.54 20.57 -21.71
N HIS A 452 -4.41 21.84 -22.06
CA HIS A 452 -5.21 22.45 -23.12
C HIS A 452 -4.81 21.93 -24.49
N TYR A 453 -3.54 21.54 -24.63
CA TYR A 453 -3.03 21.06 -25.91
C TYR A 453 -2.99 19.55 -26.01
N LEU A 454 -2.87 18.88 -24.87
CA LEU A 454 -2.76 17.42 -24.88
C LEU A 454 -4.04 16.72 -24.46
N GLY A 455 -4.90 17.43 -23.72
CA GLY A 455 -6.12 16.84 -23.22
C GLY A 455 -5.87 15.64 -22.33
N ALA A 456 -6.52 14.52 -22.63
CA ALA A 456 -6.40 13.31 -21.82
C ALA A 456 -5.00 12.70 -21.87
N TYR A 457 -4.27 12.99 -22.94
CA TYR A 457 -2.94 12.43 -23.14
C TYR A 457 -1.90 13.07 -22.21
N VAL A 458 -2.29 14.12 -21.50
CA VAL A 458 -1.38 14.83 -20.64
C VAL A 458 -0.86 13.92 -19.51
N PHE A 459 -1.65 12.91 -19.14
CA PHE A 459 -1.26 12.01 -18.05
C PHE A 459 -0.20 11.01 -18.50
N ILE A 460 -0.10 10.82 -19.81
CA ILE A 460 0.93 9.96 -20.38
C ILE A 460 2.29 10.59 -20.18
N ILE A 461 2.33 11.92 -20.24
CA ILE A 461 3.55 12.67 -20.00
C ILE A 461 4.05 12.41 -18.59
N PHE A 462 3.14 12.38 -17.62
CA PHE A 462 3.51 12.09 -16.24
C PHE A 462 3.95 10.64 -16.07
N THR A 463 3.31 9.72 -16.79
CA THR A 463 3.72 8.32 -16.78
C THR A 463 5.17 8.20 -17.21
N GLY A 464 5.56 9.01 -18.19
CA GLY A 464 6.94 9.05 -18.64
C GLY A 464 7.86 9.56 -17.56
N PHE A 465 7.46 10.66 -16.93
CA PHE A 465 8.20 11.23 -15.80
C PHE A 465 8.37 10.20 -14.69
N LEU A 466 7.27 9.56 -14.32
CA LEU A 466 7.23 8.60 -13.23
C LEU A 466 8.15 7.40 -13.49
N ILE A 467 8.16 6.93 -14.73
CA ILE A 467 9.01 5.81 -15.12
C ILE A 467 10.47 6.23 -15.04
N THR A 468 10.76 7.42 -15.55
CA THR A 468 12.11 7.97 -15.51
C THR A 468 12.61 8.14 -14.08
N PHE A 469 11.76 8.70 -13.22
CA PHE A 469 12.10 8.85 -11.80
C PHE A 469 12.33 7.49 -11.14
N LEU A 470 11.53 6.51 -11.54
CA LEU A 470 11.64 5.14 -11.03
C LEU A 470 13.00 4.56 -11.42
N ALA A 471 13.44 4.85 -12.65
CA ALA A 471 14.75 4.39 -13.11
C ALA A 471 15.88 5.11 -12.37
N PHE A 472 15.72 6.41 -12.14
CA PHE A 472 16.71 7.17 -11.39
C PHE A 472 16.92 6.58 -9.99
N THR A 473 15.83 6.34 -9.29
CA THR A 473 15.89 5.80 -7.94
C THR A 473 16.56 4.44 -7.93
N PHE A 474 16.19 3.60 -8.89
CA PHE A 474 16.70 2.23 -8.94
C PHE A 474 18.21 2.18 -9.13
N PHE A 475 18.75 3.05 -9.99
CA PHE A 475 20.17 3.02 -10.31
C PHE A 475 21.04 3.98 -9.50
N LYS A 476 20.47 5.07 -8.98
CA LYS A 476 21.29 6.15 -8.44
C LYS A 476 21.10 6.44 -6.95
N VAL A 477 20.02 5.92 -6.35
CA VAL A 477 19.70 6.28 -4.97
C VAL A 477 20.04 5.18 -3.98
N PRO A 478 21.06 5.42 -3.14
CA PRO A 478 21.49 4.41 -2.17
C PRO A 478 20.49 4.28 -1.02
N GLU A 479 20.48 3.12 -0.35
CA GLU A 479 19.62 2.94 0.81
C GLU A 479 20.24 3.65 2.02
N THR A 480 19.45 4.44 2.73
CA THR A 480 19.95 5.22 3.84
C THR A 480 19.39 4.72 5.18
N ARG A 481 18.45 3.80 5.10
CA ARG A 481 17.76 3.30 6.29
C ARG A 481 18.72 2.72 7.36
N GLY A 482 18.60 3.24 8.57
CA GLY A 482 19.36 2.74 9.70
C GLY A 482 20.85 3.03 9.68
N ARG A 483 21.31 3.75 8.66
CA ARG A 483 22.74 4.06 8.55
C ARG A 483 23.06 5.39 9.22
N THR A 484 24.22 5.50 9.87
CA THR A 484 24.63 6.78 10.44
C THR A 484 24.96 7.77 9.33
N PHE A 485 24.90 9.05 9.66
CA PHE A 485 25.31 10.10 8.72
C PHE A 485 26.75 9.90 8.26
N GLU A 486 27.61 9.46 9.17
CA GLU A 486 29.02 9.22 8.85
C GLU A 486 29.19 8.11 7.83
N ASP A 487 28.46 7.01 8.02
CA ASP A 487 28.50 5.88 7.09
C ASP A 487 28.06 6.30 5.70
N ILE A 488 26.99 7.09 5.63
CA ILE A 488 26.41 7.52 4.37
C ILE A 488 27.36 8.45 3.62
N THR A 489 27.95 9.39 4.35
CA THR A 489 28.87 10.37 3.78
C THR A 489 30.16 9.72 3.26
N ARG A 490 30.72 8.81 4.03
CA ARG A 490 31.93 8.10 3.62
C ARG A 490 31.71 7.32 2.33
N ALA A 491 30.56 6.67 2.23
CA ALA A 491 30.19 5.92 1.04
C ALA A 491 30.11 6.83 -0.19
N PHE A 492 29.63 8.06 0.00
CA PHE A 492 29.62 9.02 -1.10
C PHE A 492 31.05 9.48 -1.41
N GLU A 493 31.90 9.53 -0.37
CA GLU A 493 33.30 9.89 -0.57
C GLU A 493 34.05 8.79 -1.31
N GLY A 494 33.73 7.54 -1.00
CA GLY A 494 34.33 6.40 -1.66
C GLY A 494 33.98 6.31 -3.13
N GLN A 495 32.72 6.55 -3.46
CA GLN A 495 32.26 6.58 -4.84
C GLN A 495 32.97 7.67 -5.66
N ALA A 496 33.29 8.78 -4.98
CA ALA A 496 33.92 9.92 -5.63
C ALA A 496 35.41 9.71 -5.87
N HIS A 497 35.99 8.72 -5.21
CA HIS A 497 37.40 8.40 -5.40
C HIS A 497 37.58 7.32 -6.46
N GLY A 498 37.05 7.59 -7.66
CA GLY A 498 37.13 6.63 -8.78
C GLY A 498 35.88 6.67 -9.65
N GLN B 31 19.76 -13.41 -4.41
CA GLN B 31 19.55 -12.84 -5.74
C GLN B 31 20.26 -13.67 -6.81
N LYS B 32 19.53 -14.65 -7.33
CA LYS B 32 19.96 -15.60 -8.40
C LYS B 32 18.65 -15.98 -9.09
N VAL B 33 18.29 -15.27 -10.15
CA VAL B 33 16.97 -15.53 -10.80
C VAL B 33 17.17 -15.81 -12.30
N THR B 34 16.94 -17.06 -12.69
CA THR B 34 17.03 -17.45 -14.10
C THR B 34 15.65 -17.58 -14.73
N PRO B 35 15.59 -17.47 -16.07
CA PRO B 35 14.37 -17.78 -16.82
C PRO B 35 13.80 -19.15 -16.43
N ALA B 36 14.68 -20.13 -16.26
CA ALA B 36 14.27 -21.49 -15.88
C ALA B 36 13.55 -21.50 -14.55
N LEU B 37 14.07 -20.75 -13.58
CA LEU B 37 13.43 -20.66 -12.27
C LEU B 37 12.06 -19.98 -12.37
N ILE B 38 12.00 -18.87 -13.10
CA ILE B 38 10.77 -18.11 -13.28
C ILE B 38 9.72 -18.96 -13.98
N PHE B 39 10.13 -19.62 -15.06
CA PHE B 39 9.27 -20.54 -15.79
C PHE B 39 8.65 -21.60 -14.88
N ALA B 40 9.50 -22.26 -14.09
CA ALA B 40 9.05 -23.34 -13.22
C ALA B 40 7.99 -22.85 -12.25
N ILE B 41 8.27 -21.76 -11.55
CA ILE B 41 7.35 -21.21 -10.56
C ILE B 41 6.07 -20.69 -11.21
N THR B 42 6.20 -19.98 -12.33
CA THR B 42 5.04 -19.47 -13.06
C THR B 42 4.11 -20.58 -13.53
N VAL B 43 4.69 -21.61 -14.17
CA VAL B 43 3.93 -22.77 -14.62
C VAL B 43 3.20 -23.41 -13.46
N ALA B 44 3.83 -23.45 -12.30
CA ALA B 44 3.19 -24.00 -11.10
C ALA B 44 2.01 -23.15 -10.63
N THR B 45 2.10 -21.82 -10.77
CA THR B 45 1.01 -20.95 -10.35
C THR B 45 -0.17 -20.97 -11.32
N ILE B 46 -0.07 -21.74 -12.39
CA ILE B 46 -1.25 -22.00 -13.21
C ILE B 46 -2.31 -22.65 -12.33
N GLY B 47 -1.88 -23.47 -11.38
CA GLY B 47 -2.80 -24.05 -10.42
C GLY B 47 -3.46 -23.00 -9.55
N SER B 48 -2.75 -21.91 -9.29
CA SER B 48 -3.28 -20.81 -8.50
C SER B 48 -4.37 -20.10 -9.26
N PHE B 49 -4.09 -19.82 -10.54
CA PHE B 49 -5.05 -19.21 -11.45
C PHE B 49 -6.32 -20.07 -11.56
N GLN B 50 -6.15 -21.38 -11.61
CA GLN B 50 -7.28 -22.31 -11.68
C GLN B 50 -8.19 -22.17 -10.48
N PHE B 51 -7.60 -22.12 -9.29
CA PHE B 51 -8.37 -21.99 -8.05
C PHE B 51 -9.15 -20.68 -8.05
N GLY B 52 -8.51 -19.61 -8.50
CA GLY B 52 -9.14 -18.32 -8.55
C GLY B 52 -10.28 -18.28 -9.56
N TYR B 53 -10.01 -18.78 -10.76
CA TYR B 53 -10.99 -18.80 -11.82
C TYR B 53 -12.24 -19.56 -11.40
N ASN B 54 -12.06 -20.76 -10.86
CA ASN B 54 -13.21 -21.61 -10.56
C ASN B 54 -13.99 -21.08 -9.35
N THR B 55 -13.30 -20.32 -8.51
CA THR B 55 -13.95 -19.69 -7.37
C THR B 55 -14.88 -18.56 -7.82
N GLY B 56 -14.39 -17.73 -8.72
CA GLY B 56 -15.12 -16.54 -9.11
C GLY B 56 -16.01 -16.65 -10.33
N VAL B 57 -15.89 -17.73 -11.09
CA VAL B 57 -16.60 -17.84 -12.36
C VAL B 57 -18.09 -18.08 -12.15
N ILE B 58 -18.47 -18.60 -10.99
CA ILE B 58 -19.79 -19.15 -10.81
C ILE B 58 -20.88 -18.10 -10.56
N ASN B 59 -20.48 -16.92 -10.09
CA ASN B 59 -21.45 -15.88 -9.68
C ASN B 59 -22.27 -15.29 -10.83
N ALA B 60 -21.59 -14.79 -11.86
CA ALA B 60 -22.26 -14.12 -12.98
C ALA B 60 -23.31 -14.96 -13.74
N PRO B 61 -23.01 -16.24 -14.06
CA PRO B 61 -23.98 -16.97 -14.88
C PRO B 61 -25.13 -17.62 -14.10
N GLU B 62 -25.39 -17.17 -12.87
CA GLU B 62 -26.45 -17.78 -12.05
C GLU B 62 -27.80 -17.83 -12.76
N LYS B 63 -28.23 -16.71 -13.32
CA LYS B 63 -29.54 -16.60 -13.93
C LYS B 63 -29.66 -17.50 -15.16
N ILE B 64 -28.63 -17.48 -16.02
CA ILE B 64 -28.61 -18.32 -17.21
C ILE B 64 -28.69 -19.80 -16.86
N ILE B 65 -27.92 -20.22 -15.86
CA ILE B 65 -27.86 -21.63 -15.51
C ILE B 65 -29.18 -22.07 -14.85
N LYS B 66 -29.80 -21.18 -14.09
CA LYS B 66 -31.12 -21.46 -13.52
C LYS B 66 -32.17 -21.67 -14.59
N GLU B 67 -32.10 -20.89 -15.66
CA GLU B 67 -33.01 -21.08 -16.80
C GLU B 67 -32.71 -22.40 -17.47
N PHE B 68 -31.43 -22.76 -17.53
CA PHE B 68 -31.01 -24.04 -18.06
C PHE B 68 -31.56 -25.20 -17.23
N ILE B 69 -31.42 -25.10 -15.91
CA ILE B 69 -31.98 -26.09 -15.00
C ILE B 69 -33.49 -26.23 -15.22
N THR B 70 -34.16 -25.10 -15.40
CA THR B 70 -35.60 -25.08 -15.64
C THR B 70 -35.98 -25.81 -16.94
N LYS B 71 -35.27 -25.51 -18.02
CA LYS B 71 -35.55 -26.14 -19.31
C LYS B 71 -35.27 -27.64 -19.30
N THR B 72 -34.18 -28.02 -18.65
CA THR B 72 -33.77 -29.42 -18.59
C THR B 72 -34.81 -30.29 -17.91
N LEU B 73 -35.33 -29.84 -16.78
CA LEU B 73 -36.30 -30.62 -16.02
C LEU B 73 -37.65 -30.67 -16.73
N THR B 74 -38.05 -29.55 -17.31
CA THR B 74 -39.31 -29.45 -18.03
C THR B 74 -39.31 -30.36 -19.27
N ASP B 75 -38.21 -30.32 -20.01
CA ASP B 75 -38.08 -31.15 -21.20
C ASP B 75 -38.05 -32.65 -20.85
N LYS B 76 -37.59 -32.96 -19.65
CA LYS B 76 -37.58 -34.34 -19.17
C LYS B 76 -38.91 -34.75 -18.52
N GLY B 77 -39.93 -33.94 -18.71
CA GLY B 77 -41.28 -34.30 -18.29
C GLY B 77 -41.63 -33.99 -16.86
N ASN B 78 -40.89 -33.06 -16.24
CA ASN B 78 -41.22 -32.63 -14.89
C ASN B 78 -41.96 -31.31 -14.91
N ALA B 79 -42.69 -31.03 -13.83
CA ALA B 79 -43.29 -29.72 -13.63
C ALA B 79 -42.18 -28.67 -13.52
N PRO B 80 -42.48 -27.40 -13.87
CA PRO B 80 -41.51 -26.32 -13.74
C PRO B 80 -41.09 -26.11 -12.28
N PRO B 81 -39.78 -26.04 -12.02
CA PRO B 81 -39.26 -25.85 -10.67
C PRO B 81 -39.69 -24.51 -10.06
N SER B 82 -39.98 -24.52 -8.77
CA SER B 82 -40.23 -23.28 -8.05
C SER B 82 -38.92 -22.55 -7.84
N GLU B 83 -38.99 -21.28 -7.46
CA GLU B 83 -37.78 -20.52 -7.18
C GLU B 83 -37.00 -21.14 -6.03
N VAL B 84 -37.74 -21.73 -5.09
CA VAL B 84 -37.17 -22.47 -3.97
C VAL B 84 -36.28 -23.62 -4.45
N LEU B 85 -36.80 -24.42 -5.37
CA LEU B 85 -36.07 -25.55 -5.90
C LEU B 85 -34.83 -25.09 -6.70
N LEU B 86 -35.01 -24.09 -7.55
CA LEU B 86 -33.90 -23.57 -8.35
C LEU B 86 -32.79 -23.03 -7.46
N THR B 87 -33.18 -22.29 -6.42
CA THR B 87 -32.25 -21.79 -5.42
C THR B 87 -31.51 -22.95 -4.74
N SER B 88 -32.27 -23.98 -4.40
CA SER B 88 -31.72 -25.18 -3.77
C SER B 88 -30.69 -25.88 -4.67
N LEU B 89 -31.06 -26.08 -5.92
CA LEU B 89 -30.16 -26.72 -6.88
C LEU B 89 -28.94 -25.84 -7.19
N TRP B 90 -29.17 -24.55 -7.33
CA TRP B 90 -28.09 -23.61 -7.59
C TRP B 90 -27.11 -23.54 -6.41
N SER B 91 -27.64 -23.52 -5.19
CA SER B 91 -26.80 -23.48 -4.00
C SER B 91 -25.89 -24.70 -3.90
N LEU B 92 -26.42 -25.86 -4.25
CA LEU B 92 -25.63 -27.09 -4.28
C LEU B 92 -24.51 -27.01 -5.32
N SER B 93 -24.82 -26.44 -6.48
CA SER B 93 -23.83 -26.23 -7.53
C SER B 93 -22.66 -25.39 -7.02
N VAL B 94 -22.98 -24.34 -6.27
CA VAL B 94 -21.95 -23.46 -5.73
C VAL B 94 -21.15 -24.15 -4.63
N ALA B 95 -21.86 -24.66 -3.62
CA ALA B 95 -21.24 -25.13 -2.39
C ALA B 95 -20.47 -26.44 -2.51
N ILE B 96 -20.87 -27.32 -3.43
CA ILE B 96 -20.23 -28.64 -3.52
C ILE B 96 -18.77 -28.49 -3.97
N PHE B 97 -18.46 -27.35 -4.58
CA PHE B 97 -17.08 -26.99 -4.94
C PHE B 97 -16.22 -26.89 -3.68
N SER B 98 -16.80 -26.32 -2.63
CA SER B 98 -16.08 -26.14 -1.36
C SER B 98 -15.89 -27.46 -0.63
N VAL B 99 -16.86 -28.36 -0.76
CA VAL B 99 -16.78 -29.70 -0.17
C VAL B 99 -15.60 -30.47 -0.78
N GLY B 100 -15.48 -30.40 -2.10
CA GLY B 100 -14.37 -31.02 -2.78
C GLY B 100 -13.05 -30.40 -2.36
N GLY B 101 -13.04 -29.08 -2.26
CA GLY B 101 -11.85 -28.36 -1.84
C GLY B 101 -11.39 -28.75 -0.45
N MET B 102 -12.34 -28.91 0.46
CA MET B 102 -12.02 -29.36 1.81
C MET B 102 -11.38 -30.74 1.78
N ILE B 103 -11.96 -31.64 1.00
CA ILE B 103 -11.43 -32.99 0.85
C ILE B 103 -10.06 -32.98 0.15
N GLY B 104 -9.96 -32.29 -0.97
CA GLY B 104 -8.73 -32.25 -1.74
C GLY B 104 -7.55 -31.61 -1.02
N SER B 105 -7.82 -30.52 -0.28
CA SER B 105 -6.75 -29.85 0.45
C SER B 105 -6.20 -30.74 1.57
N PHE B 106 -7.09 -31.49 2.22
CA PHE B 106 -6.70 -32.39 3.30
C PHE B 106 -6.03 -33.66 2.79
N SER B 107 -6.16 -33.94 1.49
CA SER B 107 -5.61 -35.16 0.91
C SER B 107 -4.24 -34.92 0.30
N VAL B 108 -3.74 -33.69 0.44
CA VAL B 108 -2.48 -33.31 -0.19
C VAL B 108 -1.33 -34.25 0.24
N GLY B 109 -1.36 -34.69 1.49
CA GLY B 109 -0.32 -35.57 2.01
C GLY B 109 -0.30 -36.98 1.43
N LEU B 110 -1.35 -37.34 0.69
CA LEU B 110 -1.42 -38.66 0.06
C LEU B 110 -0.67 -38.69 -1.27
N PHE B 111 -0.42 -37.51 -1.83
CA PHE B 111 0.18 -37.40 -3.15
C PHE B 111 1.66 -37.07 -3.07
N VAL B 112 1.94 -36.05 -2.28
CA VAL B 112 3.16 -35.26 -2.39
C VAL B 112 4.47 -36.03 -2.08
N ASN B 113 4.43 -36.99 -1.16
CA ASN B 113 5.63 -37.79 -0.88
C ASN B 113 5.70 -39.03 -1.77
N ARG B 114 4.54 -39.58 -2.09
CA ARG B 114 4.44 -40.77 -2.94
C ARG B 114 4.83 -40.47 -4.38
N PHE B 115 4.26 -39.41 -4.94
CA PHE B 115 4.50 -39.09 -6.34
C PHE B 115 5.55 -38.01 -6.55
N GLY B 116 5.76 -37.19 -5.51
CA GLY B 116 6.58 -36.01 -5.65
C GLY B 116 5.69 -34.80 -5.87
N ARG B 117 6.24 -33.61 -5.71
CA ARG B 117 5.45 -32.38 -5.85
C ARG B 117 5.11 -32.11 -7.30
N ARG B 118 6.15 -32.04 -8.15
CA ARG B 118 5.97 -31.74 -9.60
C ARG B 118 5.05 -32.78 -10.24
N ASN B 119 5.33 -34.07 -10.02
CA ASN B 119 4.54 -35.15 -10.60
C ASN B 119 3.09 -35.14 -10.12
N SER B 120 2.86 -34.73 -8.88
CA SER B 120 1.49 -34.64 -8.36
C SER B 120 0.67 -33.65 -9.17
N MET B 121 1.33 -32.58 -9.63
CA MET B 121 0.65 -31.57 -10.42
C MET B 121 0.27 -32.13 -11.80
N LEU B 122 1.14 -32.94 -12.39
CA LEU B 122 0.84 -33.61 -13.66
C LEU B 122 -0.34 -34.56 -13.50
N ILE B 123 -0.35 -35.33 -12.40
CA ILE B 123 -1.42 -36.26 -12.12
C ILE B 123 -2.81 -35.58 -11.93
N VAL B 124 -2.90 -34.57 -11.07
CA VAL B 124 -4.22 -34.02 -10.71
C VAL B 124 -4.86 -33.21 -11.84
N ASN B 125 -4.11 -32.91 -12.89
CA ASN B 125 -4.68 -32.31 -14.09
C ASN B 125 -5.66 -33.23 -14.80
N LEU B 126 -5.60 -34.53 -14.49
CA LEU B 126 -6.62 -35.47 -14.93
C LEU B 126 -7.97 -35.09 -14.33
N LEU B 127 -7.95 -34.71 -13.05
CA LEU B 127 -9.13 -34.24 -12.35
C LEU B 127 -9.65 -32.92 -12.94
N ALA B 128 -8.72 -32.04 -13.28
CA ALA B 128 -9.09 -30.74 -13.83
C ALA B 128 -9.82 -30.91 -15.15
N VAL B 129 -9.24 -31.73 -16.03
CA VAL B 129 -9.84 -31.93 -17.34
C VAL B 129 -11.16 -32.69 -17.22
N THR B 130 -11.24 -33.60 -16.26
CA THR B 130 -12.48 -34.32 -15.99
C THR B 130 -13.58 -33.38 -15.48
N GLY B 131 -13.24 -32.54 -14.50
CA GLY B 131 -14.20 -31.63 -13.91
C GLY B 131 -14.70 -30.59 -14.91
N GLY B 132 -13.79 -30.06 -15.72
CA GLY B 132 -14.16 -29.09 -16.73
C GLY B 132 -14.97 -29.65 -17.89
N CYS B 133 -14.80 -30.94 -18.17
CA CYS B 133 -15.57 -31.60 -19.21
C CYS B 133 -17.01 -31.83 -18.74
N PHE B 134 -17.16 -32.30 -17.51
CA PHE B 134 -18.50 -32.44 -16.92
C PHE B 134 -19.25 -31.10 -17.00
N MET B 135 -18.60 -30.03 -16.54
CA MET B 135 -19.22 -28.71 -16.51
C MET B 135 -19.47 -28.17 -17.92
N GLY B 136 -18.51 -28.39 -18.81
CA GLY B 136 -18.58 -27.86 -20.17
C GLY B 136 -19.53 -28.62 -21.07
N LEU B 137 -19.91 -29.83 -20.67
CA LEU B 137 -20.77 -30.67 -21.51
C LEU B 137 -22.15 -30.91 -20.92
N CYS B 138 -22.41 -30.37 -19.73
CA CYS B 138 -23.67 -30.66 -19.03
C CYS B 138 -24.87 -30.13 -19.80
N LYS B 139 -24.69 -29.05 -20.56
CA LYS B 139 -25.80 -28.49 -21.32
C LYS B 139 -26.18 -29.40 -22.48
N VAL B 140 -25.20 -29.73 -23.33
CA VAL B 140 -25.44 -30.59 -24.48
C VAL B 140 -25.84 -32.00 -24.03
N ALA B 141 -25.48 -32.37 -22.81
CA ALA B 141 -25.91 -33.65 -22.26
C ALA B 141 -27.23 -33.53 -21.52
N LYS B 142 -27.73 -32.30 -21.41
CA LYS B 142 -28.97 -31.99 -20.69
C LYS B 142 -28.97 -32.59 -19.29
N SER B 143 -27.88 -32.40 -18.57
CA SER B 143 -27.71 -33.04 -17.27
C SER B 143 -27.33 -32.03 -16.17
N VAL B 144 -28.28 -31.76 -15.29
CA VAL B 144 -28.01 -30.92 -14.12
C VAL B 144 -27.03 -31.66 -13.20
N GLU B 145 -27.13 -32.99 -13.20
CA GLU B 145 -26.26 -33.84 -12.38
C GLU B 145 -24.79 -33.69 -12.78
N MET B 146 -24.55 -33.59 -14.09
CA MET B 146 -23.19 -33.42 -14.60
C MET B 146 -22.58 -32.08 -14.17
N LEU B 147 -23.43 -31.07 -14.02
CA LEU B 147 -22.97 -29.78 -13.54
C LEU B 147 -22.55 -29.88 -12.09
N ILE B 148 -23.39 -30.49 -11.26
CA ILE B 148 -23.09 -30.66 -9.84
C ILE B 148 -21.81 -31.48 -9.67
N LEU B 149 -21.75 -32.59 -10.39
CA LEU B 149 -20.63 -33.50 -10.31
C LEU B 149 -19.32 -32.84 -10.74
N GLY B 150 -19.39 -32.04 -11.80
CA GLY B 150 -18.22 -31.34 -12.31
C GLY B 150 -17.69 -30.30 -11.33
N ARG B 151 -18.60 -29.68 -10.58
CA ARG B 151 -18.21 -28.70 -9.56
C ARG B 151 -17.50 -29.41 -8.41
N LEU B 152 -17.97 -30.59 -8.05
CA LEU B 152 -17.35 -31.38 -7.00
C LEU B 152 -15.94 -31.77 -7.39
N VAL B 153 -15.77 -32.19 -8.65
CA VAL B 153 -14.50 -32.70 -9.13
C VAL B 153 -13.48 -31.57 -9.29
N ILE B 154 -13.90 -30.48 -9.90
CA ILE B 154 -13.00 -29.32 -10.06
C ILE B 154 -12.64 -28.76 -8.69
N GLY B 155 -13.50 -28.99 -7.69
CA GLY B 155 -13.23 -28.58 -6.33
C GLY B 155 -12.12 -29.39 -5.70
N LEU B 156 -12.19 -30.71 -5.91
CA LEU B 156 -11.14 -31.62 -5.46
C LEU B 156 -9.80 -31.20 -6.03
N PHE B 157 -9.78 -30.94 -7.33
CA PHE B 157 -8.58 -30.49 -8.03
C PHE B 157 -8.02 -29.22 -7.41
N CYS B 158 -8.88 -28.23 -7.20
CA CYS B 158 -8.46 -26.95 -6.65
C CYS B 158 -7.92 -27.06 -5.23
N GLY B 159 -8.54 -27.91 -4.41
CA GLY B 159 -8.05 -28.17 -3.07
C GLY B 159 -6.64 -28.75 -3.05
N LEU B 160 -6.35 -29.63 -4.01
CA LEU B 160 -5.03 -30.23 -4.11
C LEU B 160 -4.02 -29.18 -4.60
N CYS B 161 -4.45 -28.33 -5.50
CA CYS B 161 -3.63 -27.24 -6.00
C CYS B 161 -3.18 -26.28 -4.90
N THR B 162 -4.09 -25.94 -3.99
CA THR B 162 -3.82 -24.90 -3.02
C THR B 162 -2.75 -25.36 -2.03
N GLY B 163 -2.51 -26.67 -1.98
CA GLY B 163 -1.43 -27.22 -1.17
C GLY B 163 -0.19 -27.54 -2.00
N PHE B 164 -0.38 -28.02 -3.24
CA PHE B 164 0.74 -28.38 -4.10
C PHE B 164 1.62 -27.18 -4.45
N VAL B 165 0.98 -26.10 -4.90
CA VAL B 165 1.70 -24.93 -5.41
C VAL B 165 2.59 -24.26 -4.37
N PRO B 166 2.05 -23.92 -3.18
CA PRO B 166 2.97 -23.27 -2.23
C PRO B 166 4.05 -24.21 -1.70
N MET B 167 3.80 -25.52 -1.72
CA MET B 167 4.80 -26.46 -1.26
C MET B 167 5.96 -26.52 -2.26
N TYR B 168 5.61 -26.58 -3.54
CA TYR B 168 6.60 -26.59 -4.61
C TYR B 168 7.41 -25.28 -4.61
N ILE B 169 6.72 -24.15 -4.60
CA ILE B 169 7.37 -22.84 -4.64
C ILE B 169 8.28 -22.64 -3.44
N GLY B 170 7.77 -22.93 -2.26
CA GLY B 170 8.54 -22.79 -1.03
C GLY B 170 9.78 -23.66 -0.99
N GLU B 171 9.74 -24.78 -1.70
CA GLU B 171 10.86 -25.73 -1.67
C GLU B 171 11.86 -25.46 -2.79
N ILE B 172 11.42 -24.85 -3.89
CA ILE B 172 12.33 -24.60 -5.02
C ILE B 172 12.91 -23.18 -5.01
N SER B 173 12.30 -22.27 -4.23
CA SER B 173 12.76 -20.87 -4.21
C SER B 173 14.08 -20.69 -3.47
N PRO B 174 14.90 -19.76 -3.95
CA PRO B 174 16.02 -19.27 -3.12
C PRO B 174 15.49 -18.71 -1.81
N THR B 175 16.19 -18.96 -0.71
CA THR B 175 15.74 -18.51 0.62
C THR B 175 15.42 -17.01 0.69
N ALA B 176 16.21 -16.20 0.00
CA ALA B 176 16.03 -14.76 0.04
C ALA B 176 14.81 -14.30 -0.75
N LEU B 177 14.21 -15.20 -1.53
CA LEU B 177 13.06 -14.84 -2.38
C LEU B 177 11.85 -15.72 -2.14
N ARG B 178 11.91 -16.52 -1.08
CA ARG B 178 10.86 -17.48 -0.76
C ARG B 178 9.49 -16.81 -0.58
N GLY B 179 9.48 -15.65 0.09
CA GLY B 179 8.24 -14.93 0.33
C GLY B 179 7.71 -14.25 -0.91
N ALA B 180 8.61 -13.67 -1.68
CA ALA B 180 8.23 -12.97 -2.90
C ALA B 180 7.63 -13.94 -3.93
N PHE B 181 8.35 -15.02 -4.20
CA PHE B 181 7.85 -16.05 -5.12
C PHE B 181 6.57 -16.69 -4.59
N GLY B 182 6.47 -16.83 -3.28
CA GLY B 182 5.26 -17.36 -2.66
C GLY B 182 4.05 -16.47 -2.87
N THR B 183 4.30 -15.20 -3.12
CA THR B 183 3.24 -14.22 -3.29
C THR B 183 2.64 -14.35 -4.69
N LEU B 184 3.40 -14.95 -5.62
CA LEU B 184 2.88 -15.23 -6.96
C LEU B 184 1.73 -16.23 -6.93
N ASN B 185 1.64 -16.99 -5.85
CA ASN B 185 0.50 -17.88 -5.65
C ASN B 185 -0.79 -17.06 -5.54
N GLN B 186 -0.81 -16.13 -4.59
CA GLN B 186 -1.96 -15.24 -4.40
C GLN B 186 -2.25 -14.43 -5.66
N LEU B 187 -1.19 -13.94 -6.29
CA LEU B 187 -1.34 -13.17 -7.52
C LEU B 187 -2.10 -13.96 -8.59
N GLY B 188 -1.74 -15.23 -8.75
CA GLY B 188 -2.44 -16.10 -9.68
C GLY B 188 -3.89 -16.25 -9.31
N ILE B 189 -4.16 -16.46 -8.02
CA ILE B 189 -5.53 -16.55 -7.53
C ILE B 189 -6.36 -15.31 -7.85
N VAL B 190 -5.85 -14.12 -7.54
CA VAL B 190 -6.63 -12.92 -7.75
C VAL B 190 -6.82 -12.62 -9.25
N VAL B 191 -5.79 -12.91 -10.05
CA VAL B 191 -5.87 -12.76 -11.49
C VAL B 191 -6.90 -13.73 -12.10
N GLY B 192 -6.89 -14.97 -11.62
CA GLY B 192 -7.90 -15.94 -12.00
C GLY B 192 -9.31 -15.49 -11.70
N ILE B 193 -9.51 -14.92 -10.51
CA ILE B 193 -10.81 -14.36 -10.14
C ILE B 193 -11.20 -13.24 -11.09
N LEU B 194 -10.26 -12.36 -11.38
CA LEU B 194 -10.51 -11.22 -12.26
C LEU B 194 -10.86 -11.68 -13.68
N VAL B 195 -10.14 -12.68 -14.19
CA VAL B 195 -10.39 -13.17 -15.53
C VAL B 195 -11.78 -13.85 -15.65
N ALA B 196 -12.15 -14.60 -14.61
CA ALA B 196 -13.45 -15.28 -14.63
C ALA B 196 -14.60 -14.28 -14.69
N GLN B 197 -14.47 -13.18 -13.96
CA GLN B 197 -15.49 -12.15 -13.92
C GLN B 197 -15.62 -11.41 -15.24
N ILE B 198 -14.49 -11.12 -15.86
CA ILE B 198 -14.48 -10.49 -17.17
C ILE B 198 -15.09 -11.42 -18.22
N PHE B 199 -14.71 -12.69 -18.19
CA PHE B 199 -15.27 -13.68 -19.10
C PHE B 199 -16.77 -13.82 -18.89
N GLY B 200 -17.20 -13.60 -17.65
CA GLY B 200 -18.60 -13.70 -17.28
C GLY B 200 -19.50 -12.62 -17.86
N LEU B 201 -18.88 -11.58 -18.43
CA LEU B 201 -19.65 -10.52 -19.08
C LEU B 201 -20.41 -11.13 -20.25
N GLU B 202 -21.66 -10.73 -20.45
CA GLU B 202 -22.53 -11.45 -21.36
C GLU B 202 -22.05 -11.33 -22.82
N PHE B 203 -21.33 -10.26 -23.10
CA PHE B 203 -20.80 -10.04 -24.47
C PHE B 203 -19.49 -10.81 -24.65
N ILE B 204 -19.12 -11.63 -23.68
CA ILE B 204 -17.87 -12.46 -23.84
C ILE B 204 -18.24 -13.94 -23.79
N LEU B 205 -18.38 -14.54 -22.61
CA LEU B 205 -18.75 -15.96 -22.54
C LEU B 205 -19.97 -16.09 -21.63
N GLY B 206 -20.49 -14.97 -21.15
CA GLY B 206 -21.62 -15.03 -20.20
C GLY B 206 -22.97 -14.99 -20.87
N SER B 207 -23.16 -15.77 -21.93
CA SER B 207 -24.43 -15.77 -22.63
C SER B 207 -25.16 -17.10 -22.49
N GLU B 208 -26.39 -17.15 -22.98
CA GLU B 208 -27.17 -18.39 -22.97
C GLU B 208 -26.47 -19.47 -23.80
N GLU B 209 -25.80 -19.03 -24.86
CA GLU B 209 -25.12 -19.95 -25.76
C GLU B 209 -23.73 -20.36 -25.26
N LEU B 210 -23.02 -19.44 -24.61
CA LEU B 210 -21.60 -19.67 -24.35
C LEU B 210 -21.22 -19.99 -22.91
N TRP B 211 -22.19 -20.10 -22.00
CA TRP B 211 -21.85 -20.36 -20.59
C TRP B 211 -21.15 -21.71 -20.37
N PRO B 212 -21.44 -22.79 -21.12
CA PRO B 212 -20.69 -24.02 -20.98
C PRO B 212 -19.20 -23.78 -21.21
N LEU B 213 -18.87 -22.90 -22.16
CA LEU B 213 -17.47 -22.58 -22.45
C LEU B 213 -16.85 -21.82 -21.29
N LEU B 214 -17.67 -20.97 -20.67
CA LEU B 214 -17.25 -20.19 -19.50
C LEU B 214 -16.83 -21.11 -18.36
N LEU B 215 -17.66 -22.10 -18.06
CA LEU B 215 -17.34 -23.08 -17.03
C LEU B 215 -16.28 -24.07 -17.50
N GLY B 216 -16.27 -24.35 -18.80
CA GLY B 216 -15.38 -25.34 -19.35
C GLY B 216 -13.98 -24.81 -19.64
N PHE B 217 -13.82 -23.49 -19.55
CA PHE B 217 -12.55 -22.84 -19.84
C PHE B 217 -11.41 -23.39 -19.00
N THR B 218 -11.73 -23.85 -17.79
CA THR B 218 -10.74 -24.35 -16.86
C THR B 218 -9.87 -25.49 -17.41
N ILE B 219 -10.32 -26.18 -18.45
CA ILE B 219 -9.53 -27.29 -18.97
C ILE B 219 -8.35 -26.80 -19.80
N LEU B 220 -8.45 -25.58 -20.32
CA LEU B 220 -7.35 -25.04 -21.14
C LEU B 220 -6.07 -24.72 -20.34
N PRO B 221 -6.19 -24.08 -19.15
CA PRO B 221 -4.96 -23.91 -18.36
C PRO B 221 -4.38 -25.24 -17.87
N ALA B 222 -5.25 -26.21 -17.59
CA ALA B 222 -4.81 -27.55 -17.20
C ALA B 222 -3.98 -28.18 -18.32
N ILE B 223 -4.52 -28.10 -19.53
CA ILE B 223 -3.89 -28.60 -20.73
C ILE B 223 -2.54 -27.91 -20.99
N LEU B 224 -2.52 -26.60 -20.78
CA LEU B 224 -1.30 -25.80 -20.92
C LEU B 224 -0.26 -26.17 -19.85
N GLN B 225 -0.73 -26.38 -18.64
CA GLN B 225 0.18 -26.69 -17.55
C GLN B 225 0.79 -28.07 -17.74
N SER B 226 -0.02 -29.06 -18.10
CA SER B 226 0.50 -30.41 -18.38
C SER B 226 1.55 -30.39 -19.48
N ALA B 227 1.34 -29.55 -20.47
CA ALA B 227 2.29 -29.40 -21.56
C ALA B 227 3.62 -28.84 -21.07
N ALA B 228 3.56 -27.92 -20.11
CA ALA B 228 4.72 -27.14 -19.70
C ALA B 228 5.47 -27.78 -18.54
N LEU B 229 4.73 -28.48 -17.69
CA LEU B 229 5.29 -29.13 -16.51
C LEU B 229 6.51 -30.05 -16.74
N PRO B 230 6.56 -30.79 -17.87
CA PRO B 230 7.77 -31.61 -18.05
C PRO B 230 9.05 -30.78 -18.14
N PHE B 231 8.91 -29.49 -18.45
CA PHE B 231 10.06 -28.60 -18.53
C PHE B 231 10.33 -27.96 -17.18
N CYS B 232 9.57 -28.34 -16.16
CA CYS B 232 9.78 -27.87 -14.80
C CYS B 232 10.32 -28.99 -13.92
N PRO B 233 11.49 -28.76 -13.32
CA PRO B 233 12.14 -29.82 -12.53
C PRO B 233 11.46 -30.01 -11.18
N GLU B 234 11.53 -31.22 -10.65
CA GLU B 234 11.20 -31.43 -9.25
C GLU B 234 12.22 -30.61 -8.45
N SER B 235 11.80 -30.09 -7.31
CA SER B 235 12.69 -29.35 -6.41
C SER B 235 13.97 -30.11 -6.07
N PRO B 236 15.13 -29.46 -6.24
CA PRO B 236 16.39 -29.96 -5.71
C PRO B 236 16.27 -30.39 -4.25
N ARG B 237 15.50 -29.63 -3.48
CA ARG B 237 15.30 -29.94 -2.07
C ARG B 237 14.61 -31.29 -1.89
N PHE B 238 13.54 -31.52 -2.65
CA PHE B 238 12.83 -32.80 -2.57
C PHE B 238 13.72 -33.95 -3.06
N LEU B 239 14.41 -33.74 -4.17
CA LEU B 239 15.27 -34.78 -4.74
C LEU B 239 16.40 -35.17 -3.79
N LEU B 240 17.03 -34.18 -3.17
CA LEU B 240 18.15 -34.46 -2.27
C LEU B 240 17.65 -35.08 -0.96
N ILE B 241 16.64 -34.47 -0.35
CA ILE B 241 16.22 -34.91 0.97
C ILE B 241 15.36 -36.18 0.92
N ASN B 242 14.34 -36.17 0.08
CA ASN B 242 13.36 -37.27 0.07
C ASN B 242 13.80 -38.47 -0.77
N ARG B 243 14.47 -38.23 -1.90
CA ARG B 243 14.86 -39.33 -2.78
C ARG B 243 16.37 -39.61 -2.73
N LYS B 244 17.09 -38.86 -1.90
CA LYS B 244 18.53 -39.04 -1.72
C LYS B 244 19.31 -38.95 -3.03
N GLU B 245 18.83 -38.11 -3.95
CA GLU B 245 19.49 -37.92 -5.24
C GLU B 245 20.30 -36.63 -5.25
N GLU B 246 21.42 -36.64 -4.53
CA GLU B 246 22.23 -35.45 -4.32
C GLU B 246 22.80 -34.85 -5.61
N GLU B 247 23.32 -35.71 -6.47
CA GLU B 247 23.99 -35.25 -7.69
C GLU B 247 22.99 -34.72 -8.70
N ASN B 248 21.83 -35.34 -8.77
CA ASN B 248 20.75 -34.88 -9.62
C ASN B 248 20.26 -33.50 -9.15
N ALA B 249 20.14 -33.35 -7.84
CA ALA B 249 19.69 -32.09 -7.25
C ALA B 249 20.66 -30.96 -7.55
N LYS B 250 21.96 -31.25 -7.44
CA LYS B 250 22.99 -30.24 -7.64
C LYS B 250 22.99 -29.69 -9.07
N GLN B 251 22.92 -30.60 -10.05
CA GLN B 251 22.85 -30.21 -11.45
C GLN B 251 21.62 -29.34 -11.74
N ILE B 252 20.49 -29.72 -11.19
CA ILE B 252 19.26 -28.93 -11.32
C ILE B 252 19.36 -27.58 -10.61
N LEU B 253 20.01 -27.55 -9.45
CA LEU B 253 20.17 -26.30 -8.71
C LEU B 253 21.07 -25.33 -9.48
N GLN B 254 22.13 -25.86 -10.10
CA GLN B 254 23.04 -25.05 -10.90
C GLN B 254 22.31 -24.39 -12.08
N ARG B 255 21.38 -25.12 -12.67
CA ARG B 255 20.57 -24.59 -13.77
C ARG B 255 19.60 -23.51 -13.29
N LEU B 256 18.88 -23.82 -12.22
CA LEU B 256 17.88 -22.89 -11.67
C LEU B 256 18.50 -21.59 -11.15
N TRP B 257 19.71 -21.64 -10.62
N TRP B 257 19.70 -21.69 -10.59
CA TRP B 257 20.30 -20.42 -10.10
CA TRP B 257 20.40 -20.50 -10.00
C TRP B 257 21.41 -19.89 -10.99
C TRP B 257 21.21 -19.80 -11.10
N GLY B 258 21.64 -20.55 -12.12
CA GLY B 258 22.48 -20.01 -13.16
C GLY B 258 23.95 -19.85 -12.81
N THR B 259 24.42 -20.66 -11.85
CA THR B 259 25.83 -20.61 -11.46
C THR B 259 26.29 -22.01 -11.07
N GLN B 260 27.57 -22.30 -11.34
CA GLN B 260 28.14 -23.61 -11.05
C GLN B 260 28.36 -23.79 -9.55
N ASP B 261 28.68 -22.71 -8.87
CA ASP B 261 28.94 -22.76 -7.43
C ASP B 261 27.65 -22.64 -6.62
N VAL B 262 27.11 -23.78 -6.22
CA VAL B 262 25.90 -23.83 -5.42
C VAL B 262 26.12 -24.61 -4.12
N SER B 263 27.39 -24.73 -3.73
CA SER B 263 27.77 -25.58 -2.61
C SER B 263 27.22 -25.12 -1.26
N GLN B 264 27.11 -23.81 -1.07
CA GLN B 264 26.58 -23.29 0.19
C GLN B 264 25.12 -23.71 0.44
N ASP B 265 24.35 -23.87 -0.65
CA ASP B 265 22.96 -24.27 -0.54
C ASP B 265 22.75 -25.78 -0.61
N ILE B 266 23.59 -26.47 -1.37
CA ILE B 266 23.56 -27.93 -1.40
C ILE B 266 23.82 -28.45 0.01
N GLN B 267 24.80 -27.84 0.68
CA GLN B 267 25.13 -28.21 2.05
C GLN B 267 23.98 -27.95 3.02
N GLU B 268 23.28 -26.83 2.83
CA GLU B 268 22.11 -26.51 3.65
C GLU B 268 21.07 -27.61 3.53
N MET B 269 20.81 -28.03 2.29
CA MET B 269 19.88 -29.12 2.02
C MET B 269 20.36 -30.43 2.61
N LYS B 270 21.67 -30.65 2.58
CA LYS B 270 22.26 -31.84 3.19
C LYS B 270 21.97 -31.88 4.69
N ASP B 271 22.05 -30.72 5.33
CA ASP B 271 21.72 -30.61 6.75
C ASP B 271 20.25 -30.95 7.00
N GLU B 272 19.37 -30.44 6.15
CA GLU B 272 17.95 -30.72 6.25
C GLU B 272 17.68 -32.21 6.03
N SER B 273 18.45 -32.81 5.12
CA SER B 273 18.31 -34.23 4.84
C SER B 273 18.72 -35.07 6.04
N ALA B 274 19.84 -34.70 6.64
CA ALA B 274 20.32 -35.39 7.84
C ALA B 274 19.29 -35.24 8.96
N ARG B 275 18.67 -34.06 9.03
CA ARG B 275 17.59 -33.82 9.99
C ARG B 275 16.43 -34.81 9.80
N MET B 276 15.90 -34.87 8.58
CA MET B 276 14.77 -35.75 8.30
C MET B 276 15.13 -37.21 8.53
N SER B 277 16.41 -37.55 8.35
CA SER B 277 16.91 -38.90 8.61
C SER B 277 16.76 -39.27 10.08
N GLN B 278 16.87 -38.29 10.96
CA GLN B 278 16.81 -38.56 12.38
C GLN B 278 15.41 -38.39 12.93
N GLU B 279 14.50 -37.91 12.09
CA GLU B 279 13.15 -37.61 12.52
C GLU B 279 12.14 -38.65 12.06
N LYS B 280 11.27 -39.06 12.98
CA LYS B 280 10.11 -39.87 12.63
C LYS B 280 9.11 -39.00 11.90
N GLN B 281 8.84 -39.32 10.63
CA GLN B 281 7.94 -38.50 9.83
C GLN B 281 6.51 -38.63 10.35
N VAL B 282 5.82 -37.50 10.36
CA VAL B 282 4.68 -37.29 11.23
C VAL B 282 3.35 -37.25 10.46
N THR B 283 2.34 -37.94 10.99
CA THR B 283 0.98 -37.88 10.47
C THR B 283 0.22 -36.66 11.01
N VAL B 284 -0.98 -36.42 10.51
CA VAL B 284 -1.79 -35.30 10.96
C VAL B 284 -2.05 -35.35 12.46
N LEU B 285 -2.39 -36.54 12.95
CA LEU B 285 -2.64 -36.72 14.37
C LEU B 285 -1.42 -36.38 15.22
N GLU B 286 -0.25 -36.85 14.77
CA GLU B 286 0.99 -36.70 15.53
C GLU B 286 1.46 -35.24 15.56
N LEU B 287 1.04 -34.47 14.56
CA LEU B 287 1.34 -33.05 14.49
C LEU B 287 0.88 -32.29 15.73
N PHE B 288 -0.13 -32.84 16.40
CA PHE B 288 -0.72 -32.18 17.55
C PHE B 288 -0.26 -32.79 18.86
N ARG B 289 0.62 -33.78 18.78
CA ARG B 289 1.15 -34.41 19.98
C ARG B 289 2.58 -33.96 20.28
N VAL B 290 3.23 -33.34 19.30
CA VAL B 290 4.63 -32.93 19.42
C VAL B 290 4.76 -31.45 19.81
N SER B 291 5.49 -31.20 20.89
CA SER B 291 5.69 -29.85 21.42
C SER B 291 6.26 -28.89 20.38
N SER B 292 7.25 -29.37 19.62
CA SER B 292 7.94 -28.52 18.67
C SER B 292 7.05 -28.17 17.47
N TYR B 293 5.92 -28.87 17.35
CA TYR B 293 5.01 -28.63 16.24
C TYR B 293 3.77 -27.84 16.66
N ARG B 294 3.55 -27.74 17.98
CA ARG B 294 2.34 -27.12 18.50
C ARG B 294 2.21 -25.66 18.10
N GLN B 295 3.21 -24.86 18.39
CA GLN B 295 3.18 -23.45 18.04
C GLN B 295 3.18 -23.23 16.51
N PRO B 296 4.08 -23.90 15.77
CA PRO B 296 4.00 -23.73 14.31
C PRO B 296 2.64 -24.10 13.70
N ILE B 297 1.97 -25.12 14.22
CA ILE B 297 0.70 -25.53 13.62
C ILE B 297 -0.44 -24.61 14.09
N ILE B 298 -0.28 -24.02 15.27
CA ILE B 298 -1.28 -23.09 15.78
C ILE B 298 -1.20 -21.78 15.00
N ILE B 299 0.00 -21.28 14.81
CA ILE B 299 0.23 -20.12 13.96
C ILE B 299 -0.36 -20.36 12.57
N SER B 300 -0.02 -21.49 11.98
CA SER B 300 -0.47 -21.85 10.63
C SER B 300 -1.98 -21.79 10.46
N ILE B 301 -2.71 -22.28 11.45
CA ILE B 301 -4.16 -22.34 11.37
C ILE B 301 -4.77 -20.96 11.60
N VAL B 302 -4.36 -20.30 12.66
CA VAL B 302 -4.85 -18.95 12.97
C VAL B 302 -4.67 -18.00 11.79
N LEU B 303 -3.55 -18.11 11.08
CA LEU B 303 -3.31 -17.23 9.96
C LEU B 303 -4.30 -17.46 8.81
N GLN B 304 -4.67 -18.73 8.60
CA GLN B 304 -5.74 -19.04 7.64
C GLN B 304 -7.04 -18.37 8.10
N LEU B 305 -7.33 -18.49 9.39
CA LEU B 305 -8.54 -17.89 9.95
C LEU B 305 -8.47 -16.36 9.85
N SER B 306 -7.26 -15.80 9.90
CA SER B 306 -7.11 -14.35 9.83
C SER B 306 -7.41 -13.87 8.40
N GLN B 307 -7.38 -14.81 7.46
CA GLN B 307 -7.73 -14.51 6.08
C GLN B 307 -9.24 -14.66 5.86
N GLN B 308 -9.79 -15.80 6.22
CA GLN B 308 -11.19 -16.12 5.91
C GLN B 308 -12.20 -15.43 6.84
N LEU B 309 -11.78 -15.10 8.05
CA LEU B 309 -12.65 -14.43 9.00
C LEU B 309 -12.28 -12.95 9.09
N SER B 310 -11.55 -12.48 8.09
CA SER B 310 -11.12 -11.09 8.05
C SER B 310 -12.30 -10.13 7.82
N GLY B 311 -13.35 -10.64 7.19
CA GLY B 311 -14.48 -9.82 6.80
C GLY B 311 -14.43 -9.54 5.30
N ILE B 312 -13.46 -10.12 4.61
CA ILE B 312 -13.34 -9.93 3.14
C ILE B 312 -14.57 -10.54 2.45
N ASN B 313 -15.18 -11.52 3.10
N ASN B 313 -15.16 -11.56 3.08
CA ASN B 313 -16.35 -12.22 2.50
CA ASN B 313 -16.37 -12.24 2.54
C ASN B 313 -17.62 -11.35 2.60
C ASN B 313 -17.61 -11.32 2.58
N ALA B 314 -17.72 -10.52 3.64
CA ALA B 314 -18.89 -9.66 3.83
C ALA B 314 -18.82 -8.40 2.98
N VAL B 315 -17.61 -7.98 2.68
CA VAL B 315 -17.38 -6.69 1.97
C VAL B 315 -18.08 -6.81 0.62
N PHE B 316 -17.92 -7.95 -0.03
CA PHE B 316 -18.52 -8.17 -1.36
C PHE B 316 -19.99 -8.57 -1.23
N TYR B 317 -20.37 -9.21 -0.11
CA TYR B 317 -21.79 -9.57 0.09
C TYR B 317 -22.63 -8.31 -0.04
N TYR B 318 -22.21 -7.22 0.59
CA TYR B 318 -22.97 -5.94 0.55
C TYR B 318 -22.47 -5.07 -0.62
N SER B 319 -21.26 -5.33 -1.10
CA SER B 319 -20.63 -4.56 -2.21
C SER B 319 -21.62 -4.38 -3.39
N THR B 320 -22.24 -5.48 -3.83
CA THR B 320 -23.20 -5.44 -4.98
C THR B 320 -24.21 -4.31 -4.80
N GLY B 321 -25.06 -4.39 -3.77
CA GLY B 321 -26.10 -3.38 -3.52
C GLY B 321 -25.53 -1.98 -3.36
N ILE B 322 -24.45 -1.84 -2.58
CA ILE B 322 -23.80 -0.52 -2.32
C ILE B 322 -23.55 0.16 -3.65
N PHE B 323 -23.08 -0.59 -4.63
CA PHE B 323 -22.76 -0.03 -5.97
C PHE B 323 -24.04 0.51 -6.60
N LYS B 324 -25.14 -0.22 -6.44
CA LYS B 324 -26.45 0.20 -6.98
C LYS B 324 -26.88 1.51 -6.32
N ASP B 325 -26.84 1.58 -5.00
CA ASP B 325 -27.26 2.81 -4.27
C ASP B 325 -26.44 4.00 -4.77
N ALA B 326 -25.27 3.74 -5.35
CA ALA B 326 -24.38 4.81 -5.85
C ALA B 326 -24.68 5.09 -7.32
N GLY B 327 -25.69 4.42 -7.89
CA GLY B 327 -26.07 4.68 -9.28
C GLY B 327 -25.15 4.05 -10.29
N VAL B 328 -24.41 3.01 -9.91
CA VAL B 328 -23.50 2.42 -10.94
C VAL B 328 -24.35 1.89 -12.10
N GLN B 329 -25.39 1.11 -11.79
CA GLN B 329 -26.44 0.50 -12.66
C GLN B 329 -25.98 -0.80 -13.34
N GLU B 330 -24.68 -1.07 -13.32
CA GLU B 330 -24.08 -2.30 -13.89
C GLU B 330 -22.99 -2.71 -12.91
N PRO B 331 -23.36 -3.03 -11.65
CA PRO B 331 -22.41 -3.34 -10.60
C PRO B 331 -21.26 -4.29 -10.96
N ILE B 332 -21.48 -5.21 -11.90
CA ILE B 332 -20.44 -6.15 -12.24
C ILE B 332 -19.16 -5.45 -12.64
N TYR B 333 -19.25 -4.16 -13.02
CA TYR B 333 -18.08 -3.41 -13.52
C TYR B 333 -17.31 -2.88 -12.33
N ALA B 334 -18.03 -2.50 -11.29
CA ALA B 334 -17.41 -2.07 -10.02
C ALA B 334 -16.68 -3.27 -9.43
N THR B 335 -17.27 -4.45 -9.53
CA THR B 335 -16.64 -5.70 -9.05
C THR B 335 -15.34 -5.94 -9.83
N ILE B 336 -15.38 -5.72 -11.14
CA ILE B 336 -14.16 -5.92 -11.96
C ILE B 336 -13.11 -4.89 -11.55
N GLY B 337 -13.54 -3.66 -11.27
CA GLY B 337 -12.62 -2.61 -10.81
C GLY B 337 -12.00 -2.99 -9.49
N ALA B 338 -12.81 -3.56 -8.61
CA ALA B 338 -12.34 -4.02 -7.29
C ALA B 338 -11.30 -5.11 -7.52
N GLY B 339 -11.49 -5.91 -8.56
CA GLY B 339 -10.54 -6.96 -8.87
C GLY B 339 -9.20 -6.40 -9.33
N VAL B 340 -9.23 -5.26 -10.00
CA VAL B 340 -8.02 -4.59 -10.43
C VAL B 340 -7.23 -4.08 -9.21
N VAL B 341 -7.93 -3.46 -8.28
CA VAL B 341 -7.32 -3.03 -7.02
C VAL B 341 -6.76 -4.26 -6.29
N ASN B 342 -7.54 -5.32 -6.29
CA ASN B 342 -7.15 -6.59 -5.70
C ASN B 342 -5.82 -7.09 -6.25
N THR B 343 -5.63 -6.90 -7.56
CA THR B 343 -4.44 -7.37 -8.24
C THR B 343 -3.23 -6.48 -7.94
N ILE B 344 -3.44 -5.18 -8.09
CA ILE B 344 -2.40 -4.17 -7.86
C ILE B 344 -1.70 -4.31 -6.52
N PHE B 345 -2.48 -4.54 -5.46
CA PHE B 345 -1.88 -4.53 -4.12
C PHE B 345 -1.30 -5.87 -3.70
N THR B 346 -1.63 -6.91 -4.46
CA THR B 346 -0.94 -8.19 -4.33
C THR B 346 0.49 -8.02 -4.83
N VAL B 347 0.63 -7.30 -5.94
CA VAL B 347 1.93 -6.96 -6.50
C VAL B 347 2.72 -6.08 -5.54
N VAL B 348 2.02 -5.18 -4.85
CA VAL B 348 2.66 -4.32 -3.87
C VAL B 348 3.23 -5.18 -2.75
N SER B 349 2.44 -6.14 -2.29
CA SER B 349 2.88 -7.04 -1.23
C SER B 349 4.10 -7.83 -1.68
N LEU B 350 4.13 -8.21 -2.95
CA LEU B 350 5.24 -8.98 -3.49
C LEU B 350 6.56 -8.23 -3.39
N PHE B 351 6.55 -6.94 -3.64
CA PHE B 351 7.78 -6.16 -3.59
C PHE B 351 8.14 -5.71 -2.17
N LEU B 352 7.25 -5.95 -1.23
CA LEU B 352 7.46 -5.55 0.15
C LEU B 352 7.91 -6.69 1.07
N VAL B 353 7.48 -7.91 0.77
CA VAL B 353 7.52 -9.01 1.75
C VAL B 353 8.94 -9.46 2.12
N GLU B 354 9.92 -9.22 1.25
CA GLU B 354 11.28 -9.64 1.59
C GLU B 354 12.04 -8.55 2.36
N ARG B 355 11.51 -7.32 2.35
CA ARG B 355 12.16 -6.20 3.03
C ARG B 355 11.44 -5.90 4.34
N ALA B 356 10.14 -5.65 4.24
CA ALA B 356 9.31 -5.34 5.40
C ALA B 356 9.16 -6.54 6.33
N GLY B 357 9.19 -7.74 5.74
CA GLY B 357 8.97 -8.96 6.50
C GLY B 357 7.50 -9.36 6.51
N ARG B 358 7.23 -10.55 7.05
CA ARG B 358 5.88 -11.10 7.06
C ARG B 358 5.04 -10.46 8.17
N ARG B 359 5.61 -10.34 9.37
CA ARG B 359 4.93 -9.76 10.52
C ARG B 359 4.34 -8.39 10.23
N THR B 360 5.18 -7.51 9.69
CA THR B 360 4.79 -6.13 9.43
C THR B 360 3.65 -6.05 8.43
N LEU B 361 3.79 -6.74 7.30
CA LEU B 361 2.77 -6.69 6.26
C LEU B 361 1.44 -7.27 6.75
N HIS B 362 1.53 -8.33 7.56
CA HIS B 362 0.32 -8.95 8.06
C HIS B 362 -0.39 -8.04 9.06
N MET B 363 0.38 -7.39 9.94
CA MET B 363 -0.20 -6.48 10.91
C MET B 363 -0.74 -5.19 10.27
N ILE B 364 -0.02 -4.66 9.28
CA ILE B 364 -0.51 -3.48 8.57
C ILE B 364 -1.83 -3.79 7.85
N GLY B 365 -1.93 -4.99 7.29
CA GLY B 365 -3.14 -5.40 6.59
C GLY B 365 -4.34 -5.58 7.51
N LEU B 366 -4.13 -6.27 8.62
CA LEU B 366 -5.19 -6.43 9.62
C LEU B 366 -5.62 -5.07 10.19
N GLY B 367 -4.65 -4.20 10.47
CA GLY B 367 -4.93 -2.88 11.04
C GLY B 367 -5.75 -2.00 10.12
N GLY B 368 -5.30 -1.88 8.87
CA GLY B 368 -5.99 -1.08 7.88
C GLY B 368 -7.41 -1.56 7.62
N MET B 369 -7.57 -2.89 7.62
CA MET B 369 -8.91 -3.52 7.38
C MET B 369 -9.82 -3.17 8.57
N ALA B 370 -9.28 -3.18 9.79
CA ALA B 370 -10.05 -2.90 10.99
C ALA B 370 -10.63 -1.50 10.92
N PHE B 371 -9.83 -0.56 10.43
CA PHE B 371 -10.28 0.81 10.24
C PHE B 371 -11.46 0.85 9.26
N CYS B 372 -11.30 0.20 8.12
CA CYS B 372 -12.29 0.24 7.04
C CYS B 372 -13.62 -0.42 7.41
N SER B 373 -13.56 -1.52 8.15
CA SER B 373 -14.78 -2.21 8.56
C SER B 373 -15.54 -1.39 9.59
N THR B 374 -14.81 -0.60 10.38
CA THR B 374 -15.43 0.33 11.31
C THR B 374 -16.09 1.48 10.55
N LEU B 375 -15.36 2.03 9.58
CA LEU B 375 -15.90 3.05 8.69
C LEU B 375 -17.09 2.49 7.91
N MET B 376 -17.05 1.20 7.63
CA MET B 376 -18.12 0.50 6.93
C MET B 376 -19.43 0.51 7.73
N THR B 377 -19.34 0.21 9.02
CA THR B 377 -20.51 0.22 9.89
C THR B 377 -21.11 1.62 9.99
N VAL B 378 -20.26 2.61 10.28
CA VAL B 378 -20.71 3.98 10.51
C VAL B 378 -21.44 4.54 9.29
N SER B 379 -20.82 4.41 8.13
CA SER B 379 -21.40 4.94 6.90
C SER B 379 -22.68 4.21 6.54
N LEU B 380 -22.69 2.89 6.70
CA LEU B 380 -23.89 2.09 6.36
C LEU B 380 -25.06 2.56 7.22
N LEU B 381 -24.79 2.88 8.48
CA LEU B 381 -25.85 3.33 9.37
C LEU B 381 -26.32 4.75 9.03
N LEU B 382 -25.45 5.53 8.41
CA LEU B 382 -25.78 6.90 8.02
C LEU B 382 -26.13 6.99 6.54
N LYS B 383 -26.35 5.83 5.91
CA LYS B 383 -26.52 5.74 4.46
C LYS B 383 -27.63 6.65 3.91
N ASP B 384 -28.82 6.53 4.49
CA ASP B 384 -29.98 7.26 3.99
C ASP B 384 -30.10 8.65 4.63
N ASN B 385 -29.36 8.88 5.71
CA ASN B 385 -29.37 10.16 6.40
C ASN B 385 -28.71 11.24 5.54
N TYR B 386 -27.43 11.04 5.23
CA TYR B 386 -26.73 11.88 4.27
C TYR B 386 -26.50 11.06 3.00
N ASN B 387 -27.17 11.41 1.91
CA ASN B 387 -27.23 10.54 0.74
C ASN B 387 -26.02 10.67 -0.19
N GLY B 388 -24.82 10.56 0.39
CA GLY B 388 -23.59 10.44 -0.37
C GLY B 388 -22.76 9.34 0.26
N MET B 389 -23.31 8.74 1.31
CA MET B 389 -22.60 7.73 2.10
C MET B 389 -22.26 6.47 1.32
N SER B 390 -22.99 6.20 0.25
CA SER B 390 -22.71 5.01 -0.55
C SER B 390 -21.37 5.17 -1.26
N PHE B 391 -20.95 6.42 -1.46
CA PHE B 391 -19.63 6.71 -2.01
C PHE B 391 -18.55 6.49 -0.96
N VAL B 392 -18.89 6.73 0.31
CA VAL B 392 -17.96 6.48 1.40
C VAL B 392 -17.74 4.97 1.51
N CYS B 393 -18.82 4.21 1.44
CA CYS B 393 -18.77 2.75 1.49
C CYS B 393 -17.98 2.15 0.34
N ILE B 394 -18.15 2.69 -0.86
CA ILE B 394 -17.45 2.18 -2.03
C ILE B 394 -15.95 2.44 -1.86
N GLY B 395 -15.61 3.53 -1.20
CA GLY B 395 -14.22 3.85 -0.92
C GLY B 395 -13.66 2.98 0.19
N ALA B 396 -14.48 2.72 1.20
CA ALA B 396 -14.09 1.86 2.30
C ALA B 396 -13.85 0.43 1.80
N ILE B 397 -14.70 -0.01 0.88
CA ILE B 397 -14.56 -1.35 0.27
C ILE B 397 -13.24 -1.50 -0.48
N LEU B 398 -12.96 -0.54 -1.36
CA LEU B 398 -11.75 -0.57 -2.18
C LEU B 398 -10.47 -0.48 -1.35
N VAL B 399 -10.48 0.36 -0.31
CA VAL B 399 -9.33 0.49 0.57
C VAL B 399 -9.16 -0.79 1.38
N PHE B 400 -10.28 -1.40 1.78
CA PHE B 400 -10.29 -2.66 2.50
C PHE B 400 -9.57 -3.75 1.68
N VAL B 401 -9.87 -3.78 0.40
CA VAL B 401 -9.29 -4.79 -0.52
C VAL B 401 -7.78 -4.59 -0.59
N ALA B 402 -7.34 -3.35 -0.68
CA ALA B 402 -5.91 -3.05 -0.74
C ALA B 402 -5.17 -3.57 0.51
N PHE B 403 -5.78 -3.37 1.67
CA PHE B 403 -5.17 -3.80 2.91
C PHE B 403 -5.19 -5.31 3.05
N PHE B 404 -6.24 -5.94 2.54
CA PHE B 404 -6.33 -7.39 2.56
C PHE B 404 -5.16 -8.02 1.80
N GLU B 405 -4.81 -7.46 0.66
CA GLU B 405 -3.77 -8.06 -0.18
C GLU B 405 -2.36 -7.66 0.22
N ILE B 406 -2.23 -6.65 1.06
CA ILE B 406 -0.88 -6.22 1.54
C ILE B 406 -0.29 -7.35 2.38
N GLY B 407 -1.08 -7.92 3.28
CA GLY B 407 -0.64 -9.09 4.02
C GLY B 407 -1.51 -10.35 4.12
N PRO B 408 -2.67 -10.22 4.77
CA PRO B 408 -3.53 -11.37 5.08
C PRO B 408 -4.00 -12.18 3.86
N GLY B 409 -3.95 -11.57 2.68
CA GLY B 409 -4.25 -12.28 1.46
C GLY B 409 -3.19 -13.31 1.09
N PRO B 410 -2.01 -12.84 0.67
CA PRO B 410 -0.92 -13.72 0.19
C PRO B 410 -0.20 -14.53 1.26
N ILE B 411 0.12 -13.92 2.40
CA ILE B 411 1.00 -14.54 3.39
C ILE B 411 0.55 -15.90 3.95
N PRO B 412 -0.74 -16.06 4.30
CA PRO B 412 -1.14 -17.34 4.89
C PRO B 412 -0.96 -18.56 3.96
N TRP B 413 -0.95 -18.36 2.65
CA TRP B 413 -0.76 -19.47 1.72
C TRP B 413 0.66 -20.05 1.77
N PHE B 414 1.67 -19.19 1.77
CA PHE B 414 3.04 -19.67 1.68
C PHE B 414 3.77 -19.78 3.03
N ILE B 415 3.23 -19.18 4.08
CA ILE B 415 3.99 -19.12 5.33
C ILE B 415 4.07 -20.49 6.02
N VAL B 416 3.07 -21.33 5.80
CA VAL B 416 3.04 -22.66 6.41
C VAL B 416 4.23 -23.50 5.96
N ALA B 417 4.62 -23.33 4.71
CA ALA B 417 5.80 -24.04 4.19
C ALA B 417 7.06 -23.61 4.93
N GLU B 418 7.08 -22.36 5.39
CA GLU B 418 8.23 -21.77 6.09
C GLU B 418 8.34 -22.15 7.56
N LEU B 419 7.23 -22.60 8.15
CA LEU B 419 7.18 -22.83 9.59
C LEU B 419 7.55 -24.26 9.93
N PHE B 420 7.76 -25.08 8.89
CA PHE B 420 8.04 -26.50 9.09
C PHE B 420 9.23 -26.98 8.27
N SER B 421 9.93 -27.99 8.78
CA SER B 421 10.99 -28.67 8.04
C SER B 421 10.39 -29.68 7.05
N GLN B 422 11.26 -30.30 6.26
CA GLN B 422 10.83 -31.17 5.15
C GLN B 422 9.86 -32.26 5.58
N GLY B 423 10.15 -32.91 6.70
CA GLY B 423 9.35 -34.02 7.20
C GLY B 423 7.89 -33.71 7.50
N PRO B 424 7.63 -32.78 8.44
CA PRO B 424 6.25 -32.49 8.81
C PRO B 424 5.48 -31.57 7.85
N ARG B 425 6.15 -30.99 6.86
CA ARG B 425 5.53 -29.99 5.99
C ARG B 425 4.27 -30.45 5.23
N PRO B 426 4.29 -31.66 4.62
CA PRO B 426 3.07 -32.06 3.91
C PRO B 426 1.86 -32.19 4.82
N ALA B 427 2.04 -32.81 5.98
CA ALA B 427 0.96 -32.98 6.94
C ALA B 427 0.43 -31.64 7.42
N ALA B 428 1.35 -30.70 7.70
CA ALA B 428 0.97 -29.39 8.21
C ALA B 428 0.17 -28.63 7.17
N MET B 429 0.64 -28.68 5.93
CA MET B 429 -0.01 -27.96 4.86
C MET B 429 -1.35 -28.57 4.46
N ALA B 430 -1.53 -29.86 4.77
CA ALA B 430 -2.83 -30.48 4.59
C ALA B 430 -3.78 -29.96 5.65
N VAL B 431 -3.27 -29.82 6.87
CA VAL B 431 -4.05 -29.31 7.99
C VAL B 431 -4.41 -27.83 7.79
N ALA B 432 -3.43 -27.03 7.41
CA ALA B 432 -3.64 -25.59 7.24
C ALA B 432 -4.55 -25.31 6.05
N GLY B 433 -4.31 -26.00 4.95
CA GLY B 433 -5.10 -25.82 3.74
C GLY B 433 -6.56 -26.18 3.95
N CYS B 434 -6.78 -27.29 4.66
CA CYS B 434 -8.12 -27.74 4.95
C CYS B 434 -8.84 -26.73 5.86
N SER B 435 -8.12 -26.22 6.84
CA SER B 435 -8.68 -25.26 7.77
C SER B 435 -9.06 -23.97 7.04
N ASN B 436 -8.30 -23.62 6.02
CA ASN B 436 -8.64 -22.48 5.18
C ASN B 436 -9.95 -22.71 4.40
N TRP B 437 -10.05 -23.84 3.69
CA TRP B 437 -11.26 -24.19 2.95
C TRP B 437 -12.48 -24.35 3.85
N THR B 438 -12.28 -24.98 5.00
CA THR B 438 -13.38 -25.26 5.91
C THR B 438 -13.90 -23.99 6.56
N SER B 439 -12.98 -23.10 6.94
CA SER B 439 -13.40 -21.84 7.55
C SER B 439 -14.16 -21.03 6.51
N ASN B 440 -13.71 -21.11 5.25
CA ASN B 440 -14.39 -20.38 4.16
C ASN B 440 -15.82 -20.91 4.05
N PHE B 441 -15.95 -22.22 4.02
CA PHE B 441 -17.27 -22.88 3.88
C PHE B 441 -18.18 -22.51 5.06
N LEU B 442 -17.66 -22.57 6.27
CA LEU B 442 -18.50 -22.24 7.45
C LEU B 442 -18.90 -20.77 7.39
N VAL B 443 -17.99 -19.86 7.03
CA VAL B 443 -18.42 -18.43 6.99
C VAL B 443 -19.47 -18.25 5.90
N GLY B 444 -19.30 -18.91 4.76
CA GLY B 444 -20.29 -18.78 3.68
C GLY B 444 -21.66 -19.27 4.12
N LEU B 445 -21.70 -20.37 4.85
CA LEU B 445 -22.97 -20.92 5.36
C LEU B 445 -23.61 -20.01 6.43
N LEU B 446 -22.81 -19.44 7.32
CA LEU B 446 -23.41 -18.74 8.48
C LEU B 446 -23.55 -17.22 8.33
N PHE B 447 -22.82 -16.61 7.40
CA PHE B 447 -22.81 -15.13 7.32
C PHE B 447 -24.18 -14.54 6.98
N PRO B 448 -25.00 -15.11 6.09
CA PRO B 448 -26.28 -14.50 5.79
C PRO B 448 -27.14 -14.41 7.05
N SER B 449 -27.16 -15.45 7.87
CA SER B 449 -27.95 -15.38 9.13
C SER B 449 -27.37 -14.28 10.01
N ALA B 450 -26.05 -14.21 10.12
CA ALA B 450 -25.48 -13.13 10.95
C ALA B 450 -25.87 -11.74 10.45
N ALA B 451 -25.82 -11.50 9.14
CA ALA B 451 -26.09 -10.18 8.56
C ALA B 451 -27.57 -9.81 8.68
N HIS B 452 -28.44 -10.81 8.60
CA HIS B 452 -29.87 -10.57 8.67
C HIS B 452 -30.29 -10.03 10.03
N TYR B 453 -29.59 -10.46 11.07
CA TYR B 453 -29.91 -10.01 12.42
C TYR B 453 -29.12 -8.78 12.81
N LEU B 454 -27.85 -8.74 12.43
CA LEU B 454 -26.94 -7.68 12.86
C LEU B 454 -26.96 -6.47 11.92
N GLY B 455 -27.34 -6.68 10.67
CA GLY B 455 -27.36 -5.61 9.69
C GLY B 455 -25.98 -5.05 9.43
N ALA B 456 -25.80 -3.76 9.72
CA ALA B 456 -24.53 -3.08 9.45
C ALA B 456 -23.54 -3.34 10.57
N TYR B 457 -24.04 -3.75 11.73
CA TYR B 457 -23.20 -3.99 12.89
C TYR B 457 -22.31 -5.22 12.73
N VAL B 458 -22.55 -5.99 11.67
CA VAL B 458 -21.81 -7.23 11.46
C VAL B 458 -20.34 -6.91 11.20
N PHE B 459 -20.08 -5.71 10.69
CA PHE B 459 -18.72 -5.29 10.40
C PHE B 459 -17.96 -4.91 11.66
N ILE B 460 -18.69 -4.64 12.74
CA ILE B 460 -18.08 -4.35 14.03
C ILE B 460 -17.54 -5.65 14.62
N ILE B 461 -18.28 -6.73 14.45
CA ILE B 461 -17.80 -8.06 14.82
C ILE B 461 -16.46 -8.33 14.14
N PHE B 462 -16.40 -8.02 12.85
CA PHE B 462 -15.18 -8.22 12.07
C PHE B 462 -14.04 -7.33 12.54
N THR B 463 -14.36 -6.10 12.92
CA THR B 463 -13.35 -5.23 13.53
C THR B 463 -12.77 -5.91 14.76
N GLY B 464 -13.64 -6.52 15.57
CA GLY B 464 -13.22 -7.26 16.74
C GLY B 464 -12.31 -8.42 16.40
N PHE B 465 -12.65 -9.17 15.36
CA PHE B 465 -11.82 -10.29 14.90
C PHE B 465 -10.45 -9.79 14.45
N LEU B 466 -10.47 -8.72 13.68
CA LEU B 466 -9.26 -8.16 13.09
C LEU B 466 -8.26 -7.71 14.15
N ILE B 467 -8.77 -7.05 15.19
CA ILE B 467 -7.92 -6.61 16.31
C ILE B 467 -7.36 -7.82 17.05
N THR B 468 -8.20 -8.84 17.21
CA THR B 468 -7.79 -10.09 17.82
C THR B 468 -6.68 -10.77 17.00
N PHE B 469 -6.87 -10.84 15.70
CA PHE B 469 -5.83 -11.38 14.80
C PHE B 469 -4.57 -10.52 14.85
N LEU B 470 -4.75 -9.20 14.96
CA LEU B 470 -3.64 -8.26 14.98
C LEU B 470 -2.76 -8.51 16.20
N ALA B 471 -3.39 -8.67 17.36
CA ALA B 471 -2.68 -8.96 18.60
C ALA B 471 -1.94 -10.29 18.51
N PHE B 472 -2.59 -11.30 17.95
CA PHE B 472 -2.00 -12.63 17.83
C PHE B 472 -0.69 -12.58 17.04
N THR B 473 -0.72 -11.93 15.89
CA THR B 473 0.47 -11.79 15.06
C THR B 473 1.57 -11.04 15.82
N PHE B 474 1.18 -10.02 16.58
CA PHE B 474 2.14 -9.23 17.32
C PHE B 474 2.91 -10.05 18.36
N PHE B 475 2.20 -10.89 19.11
CA PHE B 475 2.81 -11.64 20.21
C PHE B 475 3.30 -13.05 19.83
N LYS B 476 2.64 -13.69 18.87
CA LYS B 476 2.85 -15.13 18.67
C LYS B 476 3.58 -15.51 17.39
N VAL B 477 3.63 -14.61 16.42
CA VAL B 477 4.18 -14.94 15.11
C VAL B 477 5.58 -14.38 14.91
N PRO B 478 6.59 -15.27 14.83
CA PRO B 478 7.98 -14.84 14.63
C PRO B 478 8.27 -14.50 13.17
N GLU B 479 9.28 -13.67 12.93
CA GLU B 479 9.63 -13.27 11.57
C GLU B 479 10.40 -14.39 10.90
N THR B 480 9.99 -14.74 9.68
CA THR B 480 10.60 -15.85 8.97
C THR B 480 11.33 -15.38 7.72
N ARG B 481 11.19 -14.10 7.42
CA ARG B 481 11.81 -13.47 6.26
C ARG B 481 13.31 -13.78 6.15
N GLY B 482 13.74 -14.30 5.01
CA GLY B 482 15.14 -14.54 4.74
C GLY B 482 15.83 -15.60 5.60
N ARG B 483 15.05 -16.33 6.38
CA ARG B 483 15.62 -17.34 7.29
C ARG B 483 15.52 -18.74 6.68
N THR B 484 16.54 -19.57 6.91
CA THR B 484 16.52 -20.96 6.46
C THR B 484 15.54 -21.78 7.28
N PHE B 485 14.99 -22.82 6.65
CA PHE B 485 14.13 -23.79 7.34
C PHE B 485 14.80 -24.30 8.63
N GLU B 486 16.11 -24.52 8.56
CA GLU B 486 16.83 -25.08 9.69
C GLU B 486 16.86 -24.11 10.88
N ASP B 487 17.07 -22.83 10.62
CA ASP B 487 17.09 -21.84 11.68
C ASP B 487 15.69 -21.58 12.25
N ILE B 488 14.68 -21.55 11.38
CA ILE B 488 13.30 -21.36 11.83
C ILE B 488 12.85 -22.51 12.76
N THR B 489 13.17 -23.73 12.36
CA THR B 489 12.80 -24.91 13.14
C THR B 489 13.55 -24.99 14.48
N ARG B 490 14.85 -24.72 14.47
CA ARG B 490 15.64 -24.73 15.70
C ARG B 490 15.05 -23.79 16.73
N ALA B 491 14.61 -22.62 16.27
CA ALA B 491 14.05 -21.61 17.16
C ALA B 491 12.76 -22.11 17.81
N PHE B 492 11.94 -22.82 17.04
CA PHE B 492 10.72 -23.39 17.59
C PHE B 492 11.07 -24.46 18.60
N GLU B 493 12.08 -25.27 18.30
CA GLU B 493 12.56 -26.28 19.22
C GLU B 493 13.17 -25.63 20.47
N GLY B 494 13.79 -24.48 20.27
CA GLY B 494 14.33 -23.70 21.38
C GLY B 494 13.23 -23.23 22.31
N GLN B 495 12.21 -22.59 21.74
CA GLN B 495 11.04 -22.16 22.51
C GLN B 495 10.36 -23.34 23.20
N ALA B 496 10.14 -24.41 22.45
CA ALA B 496 9.50 -25.62 22.98
C ALA B 496 10.29 -26.21 24.16
N HIS B 497 11.58 -25.91 24.21
CA HIS B 497 12.40 -26.30 25.35
C HIS B 497 12.25 -25.26 26.46
N GLY B 498 11.03 -25.12 26.97
CA GLY B 498 10.74 -24.16 28.01
C GLY B 498 9.45 -24.46 28.75
C4 A0E C . 1.24 17.19 -1.47
C4 A0E C . 1.21 17.08 -1.52
C5 A0E C . -0.13 17.15 -2.08
C5 A0E C . -0.16 17.06 -2.13
C6 A0E C . -1.09 16.46 -1.50
C6 A0E C . -1.14 16.42 -1.52
N1 A0E C . -0.83 15.73 -0.27
N1 A0E C . -0.92 15.74 -0.27
N3 A0E C . 1.48 16.54 -0.37
N3 A0E C . 1.41 16.48 -0.39
C2 A0E C . 0.40 15.77 0.28
C2 A0E C . 0.31 15.76 0.29
CAA A0E C . 4.07 22.72 -2.06
CAA A0E C . 4.03 22.68 -2.15
CAB A0E C . 3.83 24.20 -1.94
CAB A0E C . 3.90 24.18 -2.11
CAC A0E C . 2.59 24.70 -2.15
CAC A0E C . 2.68 24.78 -2.25
CAD A0E C . 1.44 23.77 -2.52
CAD A0E C . 1.44 23.90 -2.46
CAE A0E C . 1.66 22.44 -2.63
CAE A0E C . 1.55 22.55 -2.50
CAF A0E C . 3.03 21.87 -2.41
CAF A0E C . 2.90 21.89 -2.34
CAI A0E C . 6.43 23.01 -2.38
CAI A0E C . 6.38 23.06 -1.83
CAK A0E C . 2.84 19.74 -3.70
CAK A0E C . 2.43 19.75 -3.54
CAL A0E C . 2.13 18.41 -3.44
CAL A0E C . 2.35 18.20 -3.47
CAN A0E C . 3.53 18.25 -1.37
CAN A0E C . 3.42 18.19 -1.24
CAO A0E C . 3.92 19.74 -1.47
CAO A0E C . 3.58 19.72 -1.30
CAV A0E C . -0.81 17.80 -3.40
CAV A0E C . -0.84 17.66 -3.49
CAY A0E C . -3.38 16.02 -1.97
CAY A0E C . -3.43 16.01 -1.94
CAZ A0E C . -4.64 16.90 -1.65
CAZ A0E C . -4.61 16.97 -1.54
CBA A0E C . -5.81 16.31 -1.33
CBA A0E C . -5.79 16.45 -1.14
CBB A0E C . -5.90 14.79 -1.28
CBB A0E C . -5.99 14.95 -1.09
CBC A0E C . -4.80 14.02 -1.56
CBC A0E C . -4.95 14.11 -1.44
CBD A0E C . -3.47 14.70 -1.92
CBD A0E C . -3.60 14.69 -1.88
CBE A0E C . -4.54 18.45 -1.70
CBE A0E C . -4.39 18.51 -1.59
CBG A0E C . -5.18 19.42 -3.75
CBG A0E C . -4.28 20.07 -3.35
CBH A0E C . -6.06 20.58 -4.24
CBH A0E C . -4.11 21.26 -2.39
CBI A0E C . -7.54 20.19 -4.11
CBI A0E C . -3.34 22.37 -3.13
CBK A0E C . -8.86 20.56 -6.06
CBK A0E C . -3.65 24.24 -4.60
FAG A0E C . 0.22 24.27 -2.73
FAG A0E C . 0.25 24.48 -2.61
NAJ A0E C . 3.27 20.44 -2.52
NAJ A0E C . 2.97 20.43 -2.39
NAM A0E C . 2.29 17.94 -2.10
NAM A0E C . 2.32 17.79 -2.11
NAW A0E C . -2.09 17.36 -3.37
NAW A0E C . -2.14 17.25 -3.43
NAX A0E C . -2.15 16.64 -2.31
NAX A0E C . -2.19 16.59 -2.34
NBF A0E C . -5.64 18.98 -2.46
NBF A0E C . -5.10 19.06 -2.72
OAH A0E C . 5.37 22.19 -1.84
OAH A0E C . 5.31 22.11 -1.99
OBJ A0E C . -8.54 20.99 -4.74
OBJ A0E C . -3.98 23.63 -3.35
OBL A0E C . -7.86 19.24 -3.38
OBL A0E C . -2.27 22.10 -3.68
C18 OLC D . -2.03 -8.90 -15.15
C10 OLC D . 0.76 -2.85 -10.50
C9 OLC D . 1.34 -1.81 -9.91
C17 OLC D . -0.68 -9.24 -14.55
C11 OLC D . 0.24 -2.73 -11.91
C8 OLC D . 1.85 -1.93 -8.50
C24 OLC D . 13.57 -2.90 -4.25
C16 OLC D . -0.63 -8.89 -13.08
C12 OLC D . -0.63 -3.94 -12.23
C7 OLC D . 3.08 -1.06 -8.33
C15 OLC D . 0.24 -7.66 -12.85
C13 OLC D . 0.18 -5.23 -12.19
C6 OLC D . 4.34 -1.90 -8.20
C14 OLC D . -0.62 -6.39 -12.77
C5 OLC D . 5.59 -1.03 -8.15
C4 OLC D . 6.67 -1.56 -9.09
C3 OLC D . 8.01 -0.93 -8.78
C2 OLC D . 9.09 -1.99 -8.57
C21 OLC D . 11.58 -2.37 -5.64
C1 OLC D . 9.75 -1.78 -7.22
C22 OLC D . 13.03 -2.85 -5.67
O19 OLC D . 9.18 -1.15 -6.34
O25 OLC D . 15.00 -2.89 -4.28
O23 OLC D . 13.11 -4.14 -6.27
O20 OLC D . 11.08 -2.32 -6.97
C18 OLC E . -15.62 25.03 13.70
C10 OLC E . -7.65 25.72 18.39
C9 OLC E . -6.97 24.62 18.09
C17 OLC E . -14.60 24.78 14.80
C11 OLC E . -9.09 25.63 18.83
C8 OLC E . -5.52 24.72 17.64
C24 OLC E . 0.72 14.87 12.97
C16 OLC E . -14.20 26.08 15.47
C12 OLC E . -9.91 25.00 17.72
C7 OLC E . -5.27 23.72 16.53
C15 OLC E . -13.56 25.82 16.83
C13 OLC E . -11.40 25.20 17.98
C6 OLC E . -4.00 22.91 16.81
C14 OLC E . -12.19 25.15 16.67
C5 OLC E . -3.70 21.97 15.66
C4 OLC E . -3.05 20.69 16.16
C3 OLC E . -1.96 20.21 15.21
C2 OLC E . -1.96 18.69 15.08
C21 OLC E . -0.15 15.71 15.14
C1 OLC E . -0.54 18.17 15.16
C22 OLC E . 0.85 14.78 14.49
O19 OLC E . 0.30 18.77 15.82
O25 OLC E . 1.69 14.02 12.35
O23 OLC E . 2.18 15.15 14.87
O20 OLC E . -0.17 16.96 14.45
C4 A0E F . -9.52 -14.18 -1.63
C4 A0E F . -9.63 -14.11 -1.64
C5 A0E F . -10.67 -13.31 -1.96
C5 A0E F . -10.79 -13.25 -1.98
C6 A0E F . -10.53 -12.37 -2.87
C6 A0E F . -10.67 -12.30 -2.89
N1 A0E F . -9.28 -12.19 -3.53
N1 A0E F . -9.40 -12.12 -3.56
N3 A0E F . -8.39 -14.04 -2.23
N3 A0E F . -8.49 -13.95 -2.24
C2 A0E F . -8.25 -12.98 -3.22
C2 A0E F . -8.37 -12.91 -3.26
CAA A0E F . -11.47 -19.99 -0.75
CAA A0E F . -11.47 -19.98 -0.74
CAB A0E F . -12.38 -21.12 -1.16
CAB A0E F . -12.36 -21.11 -1.17
CAC A0E F . -13.55 -20.85 -1.76
CAC A0E F . -13.53 -20.83 -1.77
CAD A0E F . -13.96 -19.39 -2.00
CAD A0E F . -13.95 -19.39 -2.01
CAE A0E F . -13.15 -18.38 -1.63
CAE A0E F . -13.15 -18.36 -1.62
CAF A0E F . -11.84 -18.68 -0.97
CAF A0E F . -11.83 -18.66 -0.96
CAI A0E F . -10.16 -21.74 0.15
CAI A0E F . -10.14 -21.72 0.14
CAK A0E F . -11.55 -16.49 0.19
CAK A0E F . -11.56 -16.49 0.23
CAL A0E F . -10.75 -15.18 0.27
CAL A0E F . -10.82 -15.15 0.26
CAN A0E F . -8.77 -16.35 -0.64
CAN A0E F . -8.82 -16.26 -0.65
CAO A0E F . -9.60 -17.60 -0.95
CAO A0E F . -9.60 -17.55 -0.93
CAV A0E F . -12.21 -13.18 -1.46
CAV A0E F . -12.34 -13.13 -1.48
CAY A0E F . -11.92 -10.72 -3.80
CAY A0E F . -12.03 -10.67 -3.86
CAZ A0E F . -12.89 -10.90 -5.01
CAZ A0E F . -13.06 -10.74 -5.04
CBA A0E F . -13.05 -9.89 -5.88
CBA A0E F . -13.16 -9.70 -5.90
CBB A0E F . -12.28 -8.61 -5.70
CBB A0E F . -12.28 -8.49 -5.73
CBC A0E F . -11.41 -8.46 -4.65
CBC A0E F . -11.38 -8.43 -4.69
CBD A0E F . -11.24 -9.60 -3.66
CBD A0E F . -11.27 -9.60 -3.73
CBE A0E F . -13.68 -12.24 -5.18
CBE A0E F . -13.99 -11.96 -5.27
CBG A0E F . -15.81 -11.32 -5.31
CBG A0E F . -14.72 -13.66 -3.84
CBH A0E F . -17.28 -11.56 -4.91
CBH A0E F . -14.82 -15.15 -4.16
CBI A0E F . -18.10 -11.67 -6.20
CBI A0E F . -15.99 -15.39 -5.12
CBK A0E F . -20.06 -11.27 -7.52
CBK A0E F . -18.03 -16.58 -4.74
FAG A0E F . -15.12 -19.14 -2.58
FAG A0E F . -15.11 -19.12 -2.59
NAJ A0E F . -10.97 -17.58 -0.56
NAJ A0E F . -10.99 -17.55 -0.55
NAM A0E F . -9.68 -15.21 -0.65
NAM A0E F . -9.75 -15.14 -0.66
NAW A0E F . -12.72 -12.16 -2.18
NAW A0E F . -12.86 -12.12 -2.20
NAX A0E F . -11.73 -11.80 -2.89
NAX A0E F . -11.88 -11.74 -2.93
NBF A0E F . -14.94 -12.17 -4.53
NBF A0E F . -13.58 -13.09 -4.51
OAH A0E F . -10.26 -20.33 -0.13
OAH A0E F . -10.25 -20.31 -0.12
OBJ A0E F . -19.48 -11.30 -6.21
OBJ A0E F . -16.66 -16.64 -5.15
OBL A0E F . -17.62 -12.23 -7.18
OBL A0E F . -16.18 -14.59 -6.03
C18 OLC G . 3.28 -0.87 20.65
C10 OLC G . 8.26 -6.92 20.65
C9 OLC G . 7.55 -7.78 19.94
C17 OLC G . 4.35 -1.72 21.28
C11 OLC G . 9.22 -5.95 20.03
C8 OLC G . 6.63 -8.72 20.67
C24 OLC G . 10.65 -18.11 17.10
C16 OLC G . 5.57 -1.76 20.37
C12 OLC G . 8.48 -4.74 19.48
C7 OLC G . 7.45 -9.70 21.49
C15 OLC G . 6.84 -1.74 21.21
C13 OLC G . 7.64 -4.01 20.53
C6 OLC G . 7.89 -10.89 20.64
C14 OLC G . 7.92 -2.52 20.46
C5 OLC G . 8.28 -10.45 19.25
C4 OLC G . 8.29 -11.60 18.26
C3 OLC G . 7.38 -12.71 18.73
C2 OLC G . 7.59 -13.93 17.88
C21 OLC G . 9.48 -17.04 19.04
C1 OLC G . 8.05 -15.06 18.73
C22 OLC G . 9.41 -18.12 17.98
O19 OLC G . 7.39 -15.46 19.65
O25 OLC G . 10.57 -18.99 15.98
O23 OLC G . 9.35 -19.36 18.63
O20 OLC G . 9.29 -15.75 18.47
C18 OLC H . -11.54 11.21 10.03
C10 OLC H . -5.75 4.38 10.33
C9 OLC H . -5.06 3.34 9.87
C17 OLC H . -10.16 10.63 10.18
C11 OLC H . -5.72 5.71 9.59
C8 OLC H . -4.25 3.46 8.60
C24 OLC H . 5.16 -3.80 12.41
C16 OLC H . -9.42 10.63 8.85
C12 OLC H . -6.65 6.70 10.29
C7 OLC H . -3.52 2.15 8.34
C15 OLC H . -8.01 10.07 9.00
C13 OLC H . -6.65 8.04 9.57
C6 OLC H . -2.72 1.72 9.56
C14 OLC H . -8.03 8.67 9.60
C5 OLC H . -2.41 0.23 9.51
C4 OLC H . -1.07 -0.06 10.17
C3 OLC H . -1.25 -0.50 11.62
C2 OLC H . 0.06 -0.39 12.40
C21 OLC H . 2.76 -3.11 12.36
C1 OLC H . 0.67 -1.77 12.53
C22 OLC H . 3.98 -3.33 13.25
O19 OLC H . -0.02 -2.77 12.46
O25 OLC H . 6.35 -3.78 13.20
O23 OLC H . 4.32 -2.10 13.91
O20 OLC H . 2.10 -1.91 12.74
C18 OLC I . -14.28 -14.59 -26.68
C10 OLC I . -6.62 -19.37 -22.91
C9 OLC I . -5.41 -19.91 -23.04
C17 OLC I . -13.02 -14.28 -25.90
C11 OLC I . -7.30 -18.73 -24.10
C8 OLC I . -4.73 -20.54 -21.85
C24 OLC I . 2.02 -16.04 -11.91
C16 OLC I . -12.59 -15.48 -25.06
C12 OLC I . -8.45 -17.86 -23.62
C7 OLC I . -4.86 -19.62 -20.65
C15 OLC I . -11.08 -15.61 -25.02
C13 OLC I . -9.25 -17.31 -24.79
C6 OLC I . -3.74 -19.87 -19.65
C14 OLC I . -10.66 -16.92 -24.36
C5 OLC I . -3.85 -18.93 -18.45
C4 OLC I . -2.48 -18.69 -17.82
C3 OLC I . -2.61 -18.35 -16.34
C2 OLC I . -1.64 -17.23 -15.95
C21 OLC I . -0.38 -16.54 -12.36
C1 OLC I . -1.17 -17.46 -14.54
C22 OLC I . 0.62 -15.44 -12.02
O19 OLC I . -1.01 -18.59 -14.11
O25 OLC I . 3.00 -14.99 -11.92
O23 OLC I . 0.61 -14.45 -13.04
O20 OLC I . -0.90 -16.33 -13.67
#